data_4U9W
#
_entry.id   4U9W
#
_cell.length_a   52.901
_cell.length_b   93.288
_cell.length_c   100.329
_cell.angle_alpha   90.00
_cell.angle_beta   96.69
_cell.angle_gamma   90.00
#
_symmetry.space_group_name_H-M   'P 1 21 1'
#
loop_
_entity.id
_entity.type
_entity.pdbx_description
1 polymer 'N-alpha-acetyltransferase 40'
2 polymer 'Histone H4/H2A N-terminus'
3 non-polymer 'COENZYME A'
4 non-polymer 'SODIUM ION'
5 non-polymer GLYCEROL
6 water water
#
loop_
_entity_poly.entity_id
_entity_poly.type
_entity_poly.pdbx_seq_one_letter_code
_entity_poly.pdbx_strand_id
1 'polypeptide(L)'
;GSMEERAAMDAVCAKVDAANRLGDPLEAFPVFKKYDRNGLNVSIECKRVSGLEPATVDWAFDLTKTNMQTMYEQSEWGWK
DREKREEMTDDRAWYLIAWENSSVPVAFSHFRFDVECGDEVLYCYEVQLESKVRRKGLGKFLIQILQLMANSTQMKKVML
TVFKHNHGAYQFFREALQFEIDDSSPSMSGCCGEDCSYEILSRRTKF
;
A,B,C,D
2 'polypeptide(L)' SGRGK(NH2) E,F,G,H
#
# COMPACT_ATOMS: atom_id res chain seq x y z
N MET A 3 9.10 -29.80 15.54
CA MET A 3 7.92 -30.44 16.14
C MET A 3 7.53 -31.75 15.46
N GLU A 4 7.63 -32.86 16.22
CA GLU A 4 7.23 -34.19 15.74
C GLU A 4 5.76 -34.20 15.30
N GLU A 5 5.45 -35.01 14.28
CA GLU A 5 4.13 -35.00 13.67
C GLU A 5 2.97 -35.31 14.60
N ARG A 6 3.11 -36.36 15.40
CA ARG A 6 2.04 -36.78 16.30
C ARG A 6 1.84 -35.71 17.36
N ALA A 7 2.94 -35.17 17.86
CA ALA A 7 2.87 -34.08 18.82
C ALA A 7 2.29 -32.82 18.16
N ALA A 8 2.62 -32.57 16.90
CA ALA A 8 2.05 -31.41 16.21
C ALA A 8 0.54 -31.57 16.03
N MET A 9 0.11 -32.77 15.66
CA MET A 9 -1.31 -33.05 15.50
C MET A 9 -2.00 -32.95 16.86
N ASP A 10 -1.31 -33.36 17.91
CA ASP A 10 -1.90 -33.28 19.23
C ASP A 10 -2.10 -31.84 19.69
N ALA A 11 -1.13 -30.98 19.44
CA ALA A 11 -1.23 -29.59 19.88
C ALA A 11 -2.38 -28.91 19.15
N VAL A 12 -2.49 -29.21 17.86
CA VAL A 12 -3.56 -28.64 17.05
C VAL A 12 -4.91 -28.96 17.66
N CYS A 13 -5.08 -30.22 18.03
CA CYS A 13 -6.34 -30.65 18.60
C CYS A 13 -6.52 -30.09 19.99
N ALA A 14 -5.40 -30.00 20.72
CA ALA A 14 -5.43 -29.50 22.10
C ALA A 14 -5.87 -28.05 22.09
N LYS A 15 -5.34 -27.26 21.16
CA LYS A 15 -5.65 -25.84 21.14
C LYS A 15 -7.09 -25.56 20.73
N VAL A 16 -7.57 -26.31 19.74
CA VAL A 16 -8.96 -26.20 19.32
C VAL A 16 -9.91 -26.64 20.45
N ASP A 17 -9.56 -27.70 21.17
CA ASP A 17 -10.44 -28.18 22.22
C ASP A 17 -10.45 -27.25 23.43
N ALA A 18 -9.28 -26.70 23.76
CA ALA A 18 -9.16 -25.74 24.85
C ALA A 18 -10.03 -24.52 24.58
N ALA A 19 -9.98 -24.04 23.33
CA ALA A 19 -10.77 -22.88 22.96
C ALA A 19 -12.26 -23.17 23.10
N ASN A 20 -12.68 -24.36 22.72
CA ASN A 20 -14.10 -24.70 22.79
C ASN A 20 -14.60 -24.97 24.22
N ARG A 21 -13.67 -25.09 25.18
CA ARG A 21 -14.01 -25.30 26.60
C ARG A 21 -14.07 -23.97 27.35
N LEU A 22 -13.72 -22.87 26.68
CA LEU A 22 -13.72 -21.58 27.34
C LEU A 22 -15.10 -21.20 27.84
N GLY A 23 -15.14 -20.57 29.01
CA GLY A 23 -16.42 -20.14 29.52
C GLY A 23 -16.91 -18.99 28.67
N ASP A 24 -16.12 -17.93 28.63
CA ASP A 24 -16.48 -16.75 27.83
C ASP A 24 -15.22 -16.21 27.18
N PRO A 25 -15.06 -16.50 25.88
CA PRO A 25 -13.87 -16.07 25.15
C PRO A 25 -13.70 -14.56 25.10
N LEU A 26 -14.79 -13.80 25.28
CA LEU A 26 -14.70 -12.35 25.20
C LEU A 26 -14.25 -11.80 26.56
N GLU A 27 -14.19 -12.68 27.54
CA GLU A 27 -13.79 -12.28 28.86
C GLU A 27 -12.32 -11.86 28.90
N ALA A 28 -11.53 -12.25 27.90
CA ALA A 28 -10.11 -11.92 27.92
C ALA A 28 -9.84 -10.44 27.62
N PHE A 29 -10.84 -9.75 27.08
CA PHE A 29 -10.74 -8.30 26.82
C PHE A 29 -12.14 -7.68 26.91
N PRO A 30 -12.70 -7.61 28.12
CA PRO A 30 -14.10 -7.19 28.32
C PRO A 30 -14.40 -5.76 27.84
N VAL A 31 -13.37 -4.96 27.58
CA VAL A 31 -13.60 -3.64 27.02
C VAL A 31 -14.22 -3.71 25.62
N PHE A 32 -14.17 -4.89 25.00
CA PHE A 32 -14.82 -5.08 23.71
C PHE A 32 -16.29 -5.56 23.85
N LYS A 33 -16.82 -5.53 25.07
CA LYS A 33 -18.23 -5.87 25.31
C LYS A 33 -19.12 -4.62 25.13
N LYS A 34 -18.49 -3.51 24.78
CA LYS A 34 -19.19 -2.26 24.46
C LYS A 34 -18.75 -1.73 23.11
N TYR A 35 -19.71 -1.30 22.30
CA TYR A 35 -19.40 -0.54 21.09
C TYR A 35 -20.27 0.70 21.10
N ASP A 36 -19.60 1.84 21.23
CA ASP A 36 -20.25 3.13 21.28
C ASP A 36 -19.54 4.11 20.37
N ARG A 37 -19.93 4.11 19.11
CA ARG A 37 -19.32 4.99 18.12
C ARG A 37 -20.37 5.32 17.03
N ASN A 38 -20.24 6.48 16.38
CA ASN A 38 -21.09 6.81 15.22
C ASN A 38 -22.60 6.68 15.42
N GLY A 39 -23.08 7.10 16.60
CA GLY A 39 -24.51 7.09 16.89
C GLY A 39 -25.01 5.71 17.31
N LEU A 40 -24.09 4.76 17.32
CA LEU A 40 -24.35 3.40 17.79
C LEU A 40 -23.92 3.24 19.24
N ASN A 41 -24.78 2.60 20.03
CA ASN A 41 -24.43 2.21 21.39
C ASN A 41 -24.97 0.82 21.67
N VAL A 42 -24.04 -0.12 21.81
CA VAL A 42 -24.36 -1.53 21.76
C VAL A 42 -23.53 -2.27 22.81
N SER A 43 -24.09 -3.34 23.34
CA SER A 43 -23.32 -4.22 24.21
C SER A 43 -23.13 -5.51 23.44
N ILE A 44 -22.01 -6.20 23.69
CA ILE A 44 -21.69 -7.39 22.91
C ILE A 44 -21.40 -8.53 23.86
N GLU A 45 -22.00 -9.67 23.58
CA GLU A 45 -21.80 -10.84 24.42
C GLU A 45 -21.37 -12.02 23.55
N CYS A 46 -20.61 -12.91 24.15
CA CYS A 46 -20.15 -14.11 23.50
C CYS A 46 -20.66 -15.39 24.18
N LYS A 47 -21.49 -16.16 23.47
CA LYS A 47 -22.14 -17.35 24.01
C LYS A 47 -22.16 -18.49 23.03
N ARG A 48 -22.09 -19.70 23.58
CA ARG A 48 -22.35 -20.89 22.80
C ARG A 48 -23.80 -20.79 22.37
N VAL A 49 -24.18 -21.42 21.26
CA VAL A 49 -25.56 -21.32 20.77
C VAL A 49 -26.52 -21.89 21.82
N SER A 50 -26.04 -22.86 22.59
CA SER A 50 -26.84 -23.44 23.68
C SER A 50 -27.27 -22.37 24.68
N GLY A 51 -26.53 -21.25 24.74
CA GLY A 51 -26.80 -20.25 25.74
C GLY A 51 -27.71 -19.15 25.26
N LEU A 52 -28.28 -19.32 24.07
CA LEU A 52 -29.15 -18.29 23.53
C LEU A 52 -30.62 -18.70 23.63
N GLU A 53 -31.49 -17.70 23.84
CA GLU A 53 -32.93 -17.90 23.78
C GLU A 53 -33.35 -18.32 22.38
N PRO A 54 -34.32 -19.23 22.29
CA PRO A 54 -34.88 -19.67 21.01
C PRO A 54 -35.30 -18.51 20.13
N ALA A 55 -35.76 -17.41 20.73
CA ALA A 55 -36.19 -16.27 19.94
C ALA A 55 -35.01 -15.59 19.23
N THR A 56 -33.87 -15.53 19.94
CA THR A 56 -32.64 -14.93 19.42
C THR A 56 -32.08 -15.76 18.26
N VAL A 57 -32.07 -17.08 18.43
CA VAL A 57 -31.66 -17.99 17.35
C VAL A 57 -32.53 -17.80 16.11
N ASP A 58 -33.83 -17.69 16.32
CA ASP A 58 -34.74 -17.43 15.22
C ASP A 58 -34.39 -16.09 14.60
N TRP A 59 -34.07 -15.10 15.43
CA TRP A 59 -33.76 -13.79 14.88
C TRP A 59 -32.51 -13.86 13.98
N ALA A 60 -31.52 -14.64 14.42
CA ALA A 60 -30.27 -14.75 13.67
C ALA A 60 -30.52 -15.47 12.34
N PHE A 61 -31.19 -16.60 12.42
CA PHE A 61 -31.54 -17.33 11.22
C PHE A 61 -32.31 -16.44 10.25
N ASP A 62 -33.28 -15.69 10.79
CA ASP A 62 -34.11 -14.83 9.96
C ASP A 62 -33.36 -13.72 9.27
N LEU A 63 -32.48 -13.07 10.03
CA LEU A 63 -31.68 -12.01 9.47
C LEU A 63 -30.79 -12.57 8.37
N THR A 64 -30.16 -13.71 8.64
CA THR A 64 -29.27 -14.32 7.66
C THR A 64 -30.04 -14.64 6.37
N LYS A 65 -31.20 -15.27 6.52
CA LYS A 65 -32.03 -15.61 5.35
C LYS A 65 -32.47 -14.38 4.56
N THR A 66 -33.00 -13.38 5.26
CA THR A 66 -33.39 -12.11 4.66
C THR A 66 -32.24 -11.45 3.87
N ASN A 67 -31.03 -11.49 4.44
CA ASN A 67 -29.88 -10.86 3.81
C ASN A 67 -29.25 -11.74 2.72
N MET A 68 -29.29 -13.05 2.89
CA MET A 68 -28.41 -13.92 2.10
C MET A 68 -29.11 -14.87 1.12
N GLN A 69 -30.43 -15.03 1.24
CA GLN A 69 -31.09 -16.08 0.47
C GLN A 69 -30.89 -16.00 -1.05
N THR A 70 -31.11 -14.80 -1.60
CA THR A 70 -30.95 -14.61 -3.04
C THR A 70 -29.54 -14.97 -3.49
N MET A 71 -28.54 -14.49 -2.74
CA MET A 71 -27.14 -14.78 -3.02
C MET A 71 -26.83 -16.27 -2.91
N TYR A 72 -27.54 -16.97 -2.04
CA TYR A 72 -27.38 -18.42 -1.96
C TYR A 72 -27.98 -19.10 -3.19
N GLU A 73 -29.13 -18.60 -3.65
CA GLU A 73 -29.75 -19.15 -4.88
C GLU A 73 -28.90 -18.86 -6.12
N GLN A 74 -28.17 -17.76 -6.11
CA GLN A 74 -27.30 -17.41 -7.24
C GLN A 74 -25.96 -18.15 -7.17
N SER A 75 -25.77 -18.95 -6.14
CA SER A 75 -24.54 -19.72 -6.01
C SER A 75 -24.82 -21.18 -6.30
N GLU A 76 -23.77 -22.00 -6.35
CA GLU A 76 -23.93 -23.44 -6.61
C GLU A 76 -24.69 -24.09 -5.45
N TRP A 77 -24.58 -23.52 -4.26
CA TRP A 77 -25.19 -24.11 -3.08
C TRP A 77 -26.72 -24.12 -3.15
N GLY A 78 -27.30 -23.02 -3.61
CA GLY A 78 -28.73 -22.83 -3.45
C GLY A 78 -29.02 -22.54 -1.98
N TRP A 79 -30.21 -22.03 -1.69
CA TRP A 79 -30.62 -21.86 -0.29
C TRP A 79 -31.30 -23.12 0.24
N LYS A 80 -30.77 -23.65 1.32
CA LYS A 80 -31.38 -24.81 1.94
C LYS A 80 -31.72 -24.49 3.41
N ASP A 81 -32.99 -24.17 3.65
CA ASP A 81 -33.43 -23.74 4.96
C ASP A 81 -33.00 -24.62 6.10
N ARG A 82 -33.26 -25.92 5.98
CA ARG A 82 -33.13 -26.83 7.12
C ARG A 82 -31.64 -27.00 7.38
N GLU A 83 -30.87 -27.05 6.29
CA GLU A 83 -29.43 -27.26 6.40
C GLU A 83 -28.71 -26.02 6.94
N LYS A 84 -29.25 -24.84 6.67
CA LYS A 84 -28.67 -23.64 7.25
C LYS A 84 -29.04 -23.58 8.73
N ARG A 85 -30.26 -24.00 9.06
CA ARG A 85 -30.66 -24.08 10.47
C ARG A 85 -29.79 -25.04 11.27
N GLU A 86 -29.51 -26.22 10.69
CA GLU A 86 -28.66 -27.20 11.35
C GLU A 86 -27.30 -26.61 11.68
N GLU A 87 -26.71 -25.96 10.68
CA GLU A 87 -25.38 -25.37 10.79
C GLU A 87 -25.32 -24.38 11.92
N MET A 88 -26.30 -23.49 11.97
CA MET A 88 -26.32 -22.42 12.94
C MET A 88 -26.73 -22.91 14.33
N THR A 89 -27.21 -24.16 14.42
CA THR A 89 -27.63 -24.67 15.74
C THR A 89 -26.80 -25.88 16.17
N ASP A 90 -25.76 -26.16 15.40
CA ASP A 90 -24.74 -27.13 15.76
C ASP A 90 -24.18 -26.76 17.15
N ASP A 91 -23.92 -27.76 18.00
CA ASP A 91 -23.48 -27.51 19.37
C ASP A 91 -22.15 -26.78 19.43
N ARG A 92 -21.38 -26.91 18.36
CA ARG A 92 -20.07 -26.31 18.28
C ARG A 92 -20.13 -24.85 17.87
N ALA A 93 -21.34 -24.33 17.67
CA ALA A 93 -21.51 -22.95 17.22
C ALA A 93 -21.33 -21.92 18.34
N TRP A 94 -20.51 -20.90 18.06
CA TRP A 94 -20.33 -19.76 18.95
C TRP A 94 -20.99 -18.53 18.39
N TYR A 95 -21.48 -17.68 19.26
CA TYR A 95 -22.13 -16.46 18.81
C TYR A 95 -21.58 -15.26 19.51
N LEU A 96 -21.35 -14.25 18.71
CA LEU A 96 -21.09 -12.91 19.16
C LEU A 96 -22.38 -12.17 18.83
N ILE A 97 -23.02 -11.55 19.81
CA ILE A 97 -24.28 -10.84 19.56
C ILE A 97 -24.26 -9.42 20.08
N ALA A 98 -24.74 -8.48 19.25
CA ALA A 98 -24.82 -7.09 19.65
C ALA A 98 -26.25 -6.68 20.03
N TRP A 99 -26.41 -6.13 21.22
CA TRP A 99 -27.72 -5.71 21.73
C TRP A 99 -27.82 -4.19 21.79
N GLU A 100 -28.87 -3.66 21.17
CA GLU A 100 -29.12 -2.21 21.18
C GLU A 100 -29.70 -1.78 22.51
N ASN A 101 -30.63 -2.56 23.03
CA ASN A 101 -31.10 -2.43 24.39
C ASN A 101 -31.05 -3.84 24.94
N SER A 102 -31.39 -4.03 26.21
CA SER A 102 -31.37 -5.39 26.73
C SER A 102 -32.45 -6.25 26.08
N SER A 103 -33.09 -5.72 25.04
CA SER A 103 -34.19 -6.43 24.41
C SER A 103 -34.02 -6.60 22.91
N VAL A 104 -33.13 -5.81 22.30
CA VAL A 104 -33.02 -5.84 20.84
C VAL A 104 -31.64 -6.16 20.27
N PRO A 105 -31.54 -7.35 19.64
CA PRO A 105 -30.34 -7.83 18.94
C PRO A 105 -30.23 -7.15 17.58
N VAL A 106 -29.08 -6.59 17.24
CA VAL A 106 -28.98 -5.86 15.98
C VAL A 106 -27.93 -6.44 15.05
N ALA A 107 -27.09 -7.32 15.58
CA ALA A 107 -26.00 -7.89 14.80
C ALA A 107 -25.42 -9.10 15.51
N PHE A 108 -24.90 -10.02 14.70
CA PHE A 108 -24.25 -11.21 15.22
C PHE A 108 -23.23 -11.77 14.26
N SER A 109 -22.35 -12.59 14.84
CA SER A 109 -21.45 -13.46 14.11
C SER A 109 -21.58 -14.91 14.60
N HIS A 110 -21.65 -15.85 13.65
CA HIS A 110 -21.53 -17.27 13.99
C HIS A 110 -20.11 -17.69 13.68
N PHE A 111 -19.37 -18.12 14.70
CA PHE A 111 -18.00 -18.58 14.46
C PHE A 111 -17.73 -19.88 15.22
N ARG A 112 -16.67 -20.57 14.82
CA ARG A 112 -16.27 -21.78 15.52
C ARG A 112 -14.76 -21.85 15.67
N PHE A 113 -14.31 -22.65 16.64
CA PHE A 113 -12.90 -23.03 16.70
C PHE A 113 -12.78 -24.44 16.17
N ASP A 114 -11.98 -24.62 15.13
CA ASP A 114 -11.99 -25.88 14.42
C ASP A 114 -10.68 -26.19 13.70
N VAL A 115 -10.60 -27.39 13.11
CA VAL A 115 -9.47 -27.71 12.26
C VAL A 115 -9.92 -27.53 10.83
N GLU A 116 -9.12 -26.83 10.05
CA GLU A 116 -9.38 -26.65 8.63
C GLU A 116 -8.07 -26.77 7.89
N CYS A 117 -8.06 -27.72 6.94
CA CYS A 117 -6.87 -28.05 6.16
C CYS A 117 -5.69 -28.25 7.07
N GLY A 118 -5.94 -28.95 8.18
CA GLY A 118 -4.89 -29.35 9.11
C GLY A 118 -4.51 -28.32 10.16
N ASP A 119 -5.10 -27.13 10.05
CA ASP A 119 -4.75 -26.04 10.97
C ASP A 119 -5.84 -25.71 11.95
N GLU A 120 -5.40 -25.25 13.11
CA GLU A 120 -6.29 -24.68 14.09
C GLU A 120 -6.70 -23.29 13.58
N VAL A 121 -7.99 -23.08 13.39
CA VAL A 121 -8.49 -21.81 12.83
C VAL A 121 -9.69 -21.32 13.62
N LEU A 122 -9.94 -20.01 13.57
CA LEU A 122 -11.22 -19.50 13.99
C LEU A 122 -12.01 -19.30 12.69
N TYR A 123 -13.07 -20.09 12.49
CA TYR A 123 -13.88 -20.01 11.27
C TYR A 123 -15.10 -19.11 11.52
N CYS A 124 -15.16 -18.04 10.75
CA CYS A 124 -16.30 -17.15 10.78
C CYS A 124 -17.34 -17.67 9.80
N TYR A 125 -18.42 -18.27 10.30
CA TYR A 125 -19.51 -18.79 9.47
C TYR A 125 -20.45 -17.69 8.96
N GLU A 126 -20.66 -16.64 9.76
CA GLU A 126 -21.63 -15.59 9.48
C GLU A 126 -21.19 -14.30 10.14
N VAL A 127 -21.36 -13.18 9.44
CA VAL A 127 -21.42 -11.90 10.15
C VAL A 127 -22.55 -11.10 9.50
N GLN A 128 -23.56 -10.80 10.31
CA GLN A 128 -24.84 -10.30 9.83
C GLN A 128 -25.36 -9.14 10.66
N LEU A 129 -25.67 -8.04 10.00
CA LEU A 129 -26.18 -6.83 10.66
C LEU A 129 -27.54 -6.40 10.11
N GLU A 130 -28.34 -5.81 11.00
CA GLU A 130 -29.55 -5.10 10.60
C GLU A 130 -29.13 -3.92 9.72
N SER A 131 -29.95 -3.58 8.72
CA SER A 131 -29.61 -2.48 7.80
C SER A 131 -29.23 -1.21 8.56
N LYS A 132 -29.95 -0.95 9.64
CA LYS A 132 -29.84 0.31 10.36
C LYS A 132 -28.54 0.51 11.11
N VAL A 133 -27.81 -0.57 11.41
CA VAL A 133 -26.54 -0.41 12.13
C VAL A 133 -25.33 -0.63 11.23
N ARG A 134 -25.56 -0.64 9.91
CA ARG A 134 -24.46 -0.87 8.98
C ARG A 134 -23.66 0.40 8.67
N ARG A 135 -22.43 0.22 8.17
CA ARG A 135 -21.53 1.32 7.81
C ARG A 135 -21.34 2.29 8.98
N LYS A 136 -21.15 1.72 10.18
CA LYS A 136 -20.88 2.48 11.37
C LYS A 136 -19.68 1.90 12.14
N GLY A 137 -19.01 0.91 11.55
CA GLY A 137 -17.81 0.37 12.17
C GLY A 137 -18.07 -0.86 13.03
N LEU A 138 -19.34 -1.26 13.14
CA LEU A 138 -19.69 -2.37 14.02
C LEU A 138 -19.16 -3.73 13.48
N GLY A 139 -19.30 -3.93 12.18
CA GLY A 139 -18.79 -5.12 11.52
C GLY A 139 -17.30 -5.26 11.68
N LYS A 140 -16.59 -4.18 11.40
CA LYS A 140 -15.13 -4.17 11.55
C LYS A 140 -14.76 -4.48 13.01
N PHE A 141 -15.55 -3.93 13.93
CA PHE A 141 -15.33 -4.14 15.35
C PHE A 141 -15.51 -5.61 15.73
N LEU A 142 -16.53 -6.22 15.15
CA LEU A 142 -16.85 -7.60 15.42
C LEU A 142 -15.75 -8.54 14.91
N ILE A 143 -15.24 -8.25 13.71
CA ILE A 143 -14.24 -9.13 13.14
C ILE A 143 -12.91 -8.92 13.88
N GLN A 144 -12.64 -7.70 14.40
CA GLN A 144 -11.42 -7.55 15.21
C GLN A 144 -11.51 -8.38 16.47
N ILE A 145 -12.72 -8.51 17.01
CA ILE A 145 -12.93 -9.33 18.19
C ILE A 145 -12.58 -10.77 17.88
N LEU A 146 -13.03 -11.24 16.72
CA LEU A 146 -12.66 -12.57 16.27
C LEU A 146 -11.16 -12.68 16.14
N GLN A 147 -10.54 -11.63 15.61
CA GLN A 147 -9.10 -11.65 15.39
C GLN A 147 -8.29 -11.72 16.69
N LEU A 148 -8.74 -10.97 17.70
CA LEU A 148 -8.11 -10.96 19.03
C LEU A 148 -8.30 -12.30 19.71
N MET A 149 -9.48 -12.88 19.55
CA MET A 149 -9.74 -14.19 20.10
C MET A 149 -8.83 -15.23 19.46
N ALA A 150 -8.64 -15.13 18.14
CA ALA A 150 -7.75 -16.07 17.43
C ALA A 150 -6.32 -15.91 17.91
N ASN A 151 -5.93 -14.68 18.23
CA ASN A 151 -4.58 -14.49 18.74
C ASN A 151 -4.49 -15.08 20.15
N SER A 152 -5.51 -14.82 20.94
CA SER A 152 -5.53 -15.29 22.31
C SER A 152 -5.63 -16.83 22.45
N THR A 153 -6.33 -17.49 21.52
CA THR A 153 -6.56 -18.94 21.64
C THR A 153 -5.55 -19.76 20.83
N GLN A 154 -4.69 -19.03 20.12
CA GLN A 154 -3.62 -19.56 19.28
C GLN A 154 -4.14 -20.25 18.03
N MET A 155 -5.23 -19.73 17.46
CA MET A 155 -5.63 -20.12 16.10
C MET A 155 -4.64 -19.48 15.13
N LYS A 156 -4.47 -20.09 13.94
CA LYS A 156 -3.51 -19.60 12.95
C LYS A 156 -4.05 -18.44 12.11
N LYS A 157 -5.37 -18.39 12.00
CA LYS A 157 -6.04 -17.36 11.22
C LYS A 157 -7.52 -17.27 11.57
N VAL A 158 -8.17 -16.21 11.09
CA VAL A 158 -9.62 -16.17 11.00
C VAL A 158 -9.95 -16.41 9.53
N MET A 159 -10.81 -17.39 9.25
CA MET A 159 -11.18 -17.68 7.87
C MET A 159 -12.66 -17.53 7.69
N LEU A 160 -13.07 -17.37 6.44
CA LEU A 160 -14.47 -17.27 6.12
C LEU A 160 -14.65 -17.55 4.64
N THR A 161 -15.90 -17.72 4.25
CA THR A 161 -16.28 -17.88 2.86
C THR A 161 -17.09 -16.66 2.45
N VAL A 162 -16.79 -16.11 1.29
CA VAL A 162 -17.56 -14.97 0.78
C VAL A 162 -17.94 -15.23 -0.68
N PHE A 163 -19.17 -14.86 -1.03
CA PHE A 163 -19.66 -14.96 -2.40
C PHE A 163 -18.97 -13.94 -3.31
N LYS A 164 -18.57 -14.34 -4.50
CA LYS A 164 -18.01 -13.40 -5.47
C LYS A 164 -19.04 -12.33 -5.84
N HIS A 165 -20.31 -12.72 -5.78
CA HIS A 165 -21.43 -11.82 -6.08
C HIS A 165 -21.93 -11.07 -4.82
N ASN A 166 -21.24 -11.25 -3.70
CA ASN A 166 -21.45 -10.36 -2.56
C ASN A 166 -20.36 -9.33 -2.57
N HIS A 167 -20.46 -8.42 -3.53
CA HIS A 167 -19.39 -7.49 -3.83
C HIS A 167 -19.04 -6.58 -2.66
N GLY A 168 -20.06 -6.08 -1.97
CA GLY A 168 -19.86 -5.21 -0.82
C GLY A 168 -19.14 -5.92 0.32
N ALA A 169 -19.57 -7.14 0.62
CA ALA A 169 -18.92 -7.91 1.68
C ALA A 169 -17.50 -8.25 1.28
N TYR A 170 -17.29 -8.55 0.00
CA TYR A 170 -15.94 -8.87 -0.47
C TYR A 170 -14.99 -7.69 -0.23
N GLN A 171 -15.45 -6.48 -0.53
CA GLN A 171 -14.63 -5.30 -0.34
C GLN A 171 -14.37 -5.03 1.13
N PHE A 172 -15.38 -5.25 1.95
CA PHE A 172 -15.27 -5.17 3.41
C PHE A 172 -14.11 -6.02 3.92
N PHE A 173 -14.14 -7.30 3.59
CA PHE A 173 -13.11 -8.20 4.07
C PHE A 173 -11.75 -8.03 3.41
N ARG A 174 -11.78 -7.98 2.09
CA ARG A 174 -10.57 -8.00 1.29
C ARG A 174 -9.81 -6.68 1.38
N GLU A 175 -10.55 -5.58 1.35
CA GLU A 175 -9.91 -4.27 1.23
C GLU A 175 -9.85 -3.52 2.58
N ALA A 176 -10.99 -3.38 3.24
CA ALA A 176 -11.04 -2.67 4.50
C ALA A 176 -10.37 -3.46 5.60
N LEU A 177 -10.55 -4.78 5.60
CA LEU A 177 -10.01 -5.56 6.70
C LEU A 177 -8.73 -6.26 6.27
N GLN A 178 -8.38 -6.12 5.00
CA GLN A 178 -7.14 -6.67 4.45
C GLN A 178 -7.02 -8.19 4.65
N PHE A 179 -8.12 -8.92 4.43
CA PHE A 179 -8.07 -10.37 4.35
C PHE A 179 -7.38 -10.74 3.04
N GLU A 180 -6.64 -11.85 3.05
CA GLU A 180 -6.06 -12.41 1.82
C GLU A 180 -6.96 -13.50 1.23
N ILE A 181 -6.70 -13.85 -0.02
CA ILE A 181 -7.35 -15.02 -0.57
C ILE A 181 -6.60 -16.22 -0.03
N ASP A 182 -7.32 -17.11 0.67
CA ASP A 182 -6.71 -18.26 1.33
C ASP A 182 -6.25 -19.30 0.30
N ASP A 183 -5.16 -20.01 0.61
CA ASP A 183 -4.63 -21.02 -0.31
C ASP A 183 -5.65 -22.12 -0.61
N SER A 184 -6.60 -22.31 0.30
CA SER A 184 -7.61 -23.35 0.14
C SER A 184 -8.76 -22.85 -0.72
N SER A 185 -8.63 -21.62 -1.22
CA SER A 185 -9.65 -21.08 -2.11
C SER A 185 -9.59 -21.76 -3.47
N PRO A 186 -10.78 -22.04 -4.06
CA PRO A 186 -10.87 -22.67 -5.40
C PRO A 186 -10.00 -21.91 -6.42
N SER A 187 -9.83 -20.60 -6.20
CA SER A 187 -8.91 -19.75 -6.96
C SER A 187 -7.47 -19.84 -6.44
N CYS A 196 -15.90 -21.53 -9.55
CA CYS A 196 -16.68 -21.42 -8.32
C CYS A 196 -17.20 -20.00 -8.08
N SER A 197 -18.34 -19.87 -7.41
CA SER A 197 -18.92 -18.55 -7.16
C SER A 197 -18.53 -18.00 -5.76
N TYR A 198 -17.53 -18.61 -5.12
CA TYR A 198 -17.12 -18.12 -3.82
C TYR A 198 -15.60 -18.15 -3.66
N GLU A 199 -15.11 -17.39 -2.68
CA GLU A 199 -13.71 -17.49 -2.29
C GLU A 199 -13.58 -17.68 -0.79
N ILE A 200 -12.49 -18.32 -0.42
CA ILE A 200 -12.14 -18.49 0.96
C ILE A 200 -11.18 -17.38 1.31
N LEU A 201 -11.51 -16.60 2.34
CA LEU A 201 -10.61 -15.54 2.80
C LEU A 201 -10.08 -15.85 4.18
N SER A 202 -8.88 -15.36 4.45
CA SER A 202 -8.28 -15.53 5.76
C SER A 202 -7.43 -14.33 6.10
N ARG A 203 -7.20 -14.17 7.41
CA ARG A 203 -6.32 -13.16 7.97
C ARG A 203 -5.53 -13.86 9.06
N ARG A 204 -4.22 -13.97 8.86
CA ARG A 204 -3.38 -14.74 9.77
C ARG A 204 -3.19 -14.05 11.10
N THR A 205 -2.92 -14.84 12.14
CA THR A 205 -2.52 -14.27 13.41
C THR A 205 -1.02 -14.04 13.26
N LYS A 206 -0.41 -13.34 14.22
CA LYS A 206 0.93 -12.80 14.00
C LYS A 206 2.05 -13.48 14.78
N PHE A 207 1.73 -14.55 15.48
CA PHE A 207 2.75 -15.23 16.28
C PHE A 207 3.49 -16.31 15.46
N GLY B 1 -24.08 24.30 18.65
CA GLY B 1 -23.20 23.21 18.24
C GLY B 1 -22.05 23.01 19.22
N SER B 2 -21.54 21.78 19.29
CA SER B 2 -20.42 21.47 20.17
C SER B 2 -19.96 20.03 19.97
N MET B 3 -18.64 19.85 19.94
CA MET B 3 -18.05 18.50 19.82
C MET B 3 -17.99 17.82 21.20
N GLU B 4 -18.34 18.58 22.23
CA GLU B 4 -18.35 18.08 23.61
C GLU B 4 -16.99 17.50 23.95
N GLU B 5 -15.96 18.30 23.66
CA GLU B 5 -14.57 17.92 23.83
C GLU B 5 -14.26 17.53 25.25
N ARG B 6 -14.85 18.25 26.21
CA ARG B 6 -14.57 17.99 27.61
C ARG B 6 -14.91 16.55 28.00
N ALA B 7 -16.07 16.06 27.55
CA ALA B 7 -16.48 14.68 27.79
C ALA B 7 -15.63 13.68 26.98
N ALA B 8 -15.22 14.09 25.79
CA ALA B 8 -14.38 13.23 24.95
C ALA B 8 -13.05 12.98 25.66
N MET B 9 -12.56 14.01 26.35
CA MET B 9 -11.33 13.92 27.13
C MET B 9 -11.43 12.95 28.29
N ASP B 10 -12.60 12.87 28.95
CA ASP B 10 -12.78 11.87 30.01
C ASP B 10 -12.72 10.47 29.42
N ALA B 11 -13.32 10.29 28.24
CA ALA B 11 -13.35 8.98 27.59
C ALA B 11 -11.92 8.55 27.23
N VAL B 12 -11.15 9.48 26.68
CA VAL B 12 -9.76 9.22 26.32
C VAL B 12 -8.95 8.81 27.54
N CYS B 13 -9.10 9.56 28.62
CA CYS B 13 -8.36 9.28 29.84
C CYS B 13 -8.86 8.01 30.52
N ALA B 14 -10.14 7.70 30.38
CA ALA B 14 -10.68 6.48 31.00
C ALA B 14 -9.98 5.27 30.43
N LYS B 15 -9.79 5.27 29.10
CA LYS B 15 -9.15 4.14 28.45
C LYS B 15 -7.67 4.03 28.75
N VAL B 16 -6.97 5.15 28.77
CA VAL B 16 -5.55 5.13 29.08
C VAL B 16 -5.36 4.64 30.50
N ASP B 17 -6.21 5.10 31.39
CA ASP B 17 -6.07 4.74 32.79
C ASP B 17 -6.41 3.27 33.00
N ALA B 18 -7.42 2.78 32.28
CA ALA B 18 -7.77 1.38 32.36
C ALA B 18 -6.58 0.49 31.95
N ALA B 19 -5.91 0.86 30.85
CA ALA B 19 -4.77 0.08 30.40
C ALA B 19 -3.67 0.07 31.45
N ASN B 20 -3.44 1.22 32.08
CA ASN B 20 -2.37 1.34 33.03
C ASN B 20 -2.66 0.62 34.34
N ARG B 21 -3.90 0.16 34.55
CA ARG B 21 -4.23 -0.60 35.76
C ARG B 21 -4.08 -2.08 35.52
N LEU B 22 -3.87 -2.48 34.27
CA LEU B 22 -3.78 -3.90 33.96
C LEU B 22 -2.61 -4.51 34.69
N GLY B 23 -2.79 -5.74 35.15
CA GLY B 23 -1.69 -6.43 35.81
C GLY B 23 -0.66 -6.82 34.77
N ASP B 24 -1.12 -7.56 33.77
CA ASP B 24 -0.29 -8.00 32.66
C ASP B 24 -1.05 -7.84 31.33
N PRO B 25 -0.71 -6.80 30.57
CA PRO B 25 -1.35 -6.54 29.26
C PRO B 25 -1.18 -7.69 28.29
N LEU B 26 -0.14 -8.50 28.50
CA LEU B 26 0.13 -9.68 27.68
C LEU B 26 -0.56 -10.97 28.19
N GLU B 27 -1.37 -10.88 29.24
CA GLU B 27 -1.96 -12.08 29.83
C GLU B 27 -2.86 -12.90 28.88
N ALA B 28 -3.57 -12.22 28.00
CA ALA B 28 -4.49 -12.90 27.11
C ALA B 28 -3.73 -13.54 25.96
N PHE B 29 -2.43 -13.27 25.86
CA PHE B 29 -1.68 -13.76 24.71
C PHE B 29 -0.37 -14.45 25.03
N PRO B 30 -0.46 -15.61 25.71
CA PRO B 30 0.76 -16.28 26.16
C PRO B 30 1.65 -16.78 25.01
N VAL B 31 1.05 -17.04 23.85
CA VAL B 31 1.82 -17.47 22.68
C VAL B 31 2.75 -16.36 22.18
N PHE B 32 2.53 -15.12 22.63
CA PHE B 32 3.47 -14.06 22.25
C PHE B 32 4.58 -13.90 23.28
N LYS B 33 4.65 -14.80 24.27
CA LYS B 33 5.71 -14.76 25.28
C LYS B 33 6.95 -15.58 24.88
N LYS B 34 6.89 -16.16 23.69
CA LYS B 34 8.01 -16.93 23.17
C LYS B 34 8.36 -16.41 21.77
N TYR B 35 9.66 -16.26 21.49
CA TYR B 35 10.14 -16.06 20.13
C TYR B 35 11.33 -16.97 19.86
N ASP B 36 11.15 -17.93 18.95
CA ASP B 36 12.23 -18.82 18.53
C ASP B 36 12.23 -18.99 17.00
N ARG B 37 12.96 -18.10 16.34
CA ARG B 37 13.13 -18.13 14.89
C ARG B 37 14.55 -17.70 14.58
N ASN B 38 15.08 -18.17 13.46
CA ASN B 38 16.36 -17.68 12.97
C ASN B 38 17.46 -17.81 14.00
N GLY B 39 17.42 -18.91 14.75
CA GLY B 39 18.46 -19.22 15.70
C GLY B 39 18.29 -18.49 17.00
N LEU B 40 17.20 -17.75 17.13
CA LEU B 40 16.92 -17.02 18.35
C LEU B 40 16.04 -17.87 19.24
N ASN B 41 16.32 -17.87 20.54
CA ASN B 41 15.42 -18.53 21.48
C ASN B 41 15.22 -17.67 22.72
N VAL B 42 14.05 -17.08 22.80
CA VAL B 42 13.83 -16.03 23.76
C VAL B 42 12.43 -16.13 24.37
N SER B 43 12.34 -15.77 25.65
CA SER B 43 11.06 -15.65 26.32
C SER B 43 10.84 -14.16 26.53
N ILE B 44 9.58 -13.75 26.48
CA ILE B 44 9.23 -12.34 26.52
C ILE B 44 8.24 -12.10 27.63
N GLU B 45 8.48 -11.03 28.38
CA GLU B 45 7.60 -10.64 29.48
C GLU B 45 7.24 -9.17 29.42
N CYS B 46 6.07 -8.82 29.96
CA CYS B 46 5.60 -7.45 29.99
C CYS B 46 5.48 -7.01 31.44
N LYS B 47 6.27 -6.02 31.85
CA LYS B 47 6.29 -5.65 33.26
C LYS B 47 6.35 -4.12 33.45
N ARG B 48 5.70 -3.62 34.50
CA ARG B 48 5.92 -2.23 34.90
C ARG B 48 7.35 -2.12 35.35
N VAL B 49 7.95 -0.93 35.25
CA VAL B 49 9.36 -0.78 35.64
C VAL B 49 9.57 -1.09 37.14
N SER B 50 8.55 -0.83 37.96
CA SER B 50 8.61 -1.15 39.39
C SER B 50 8.85 -2.64 39.63
N GLY B 51 8.50 -3.47 38.66
CA GLY B 51 8.61 -4.92 38.82
C GLY B 51 9.90 -5.48 38.27
N LEU B 52 10.81 -4.61 37.88
CA LEU B 52 12.08 -5.06 37.30
C LEU B 52 13.19 -5.00 38.33
N GLU B 53 14.10 -5.99 38.26
CA GLU B 53 15.30 -5.92 39.07
C GLU B 53 16.13 -4.72 38.61
N PRO B 54 16.70 -3.97 39.57
CA PRO B 54 17.54 -2.80 39.29
C PRO B 54 18.64 -3.05 38.25
N ALA B 55 19.19 -4.26 38.24
CA ALA B 55 20.23 -4.61 37.27
C ALA B 55 19.67 -4.66 35.85
N THR B 56 18.43 -5.13 35.71
CA THR B 56 17.80 -5.18 34.39
C THR B 56 17.60 -3.78 33.88
N VAL B 57 17.11 -2.92 34.76
CA VAL B 57 16.95 -1.50 34.47
C VAL B 57 18.28 -0.87 34.05
N ASP B 58 19.36 -1.18 34.76
CA ASP B 58 20.69 -0.69 34.40
C ASP B 58 21.10 -1.20 33.03
N TRP B 59 20.82 -2.47 32.77
CA TRP B 59 21.18 -3.08 31.49
C TRP B 59 20.43 -2.41 30.33
N ALA B 60 19.17 -2.04 30.55
CA ALA B 60 18.39 -1.41 29.50
C ALA B 60 18.90 0.00 29.20
N PHE B 61 19.13 0.77 30.25
CA PHE B 61 19.79 2.07 30.10
C PHE B 61 21.15 1.97 29.42
N ASP B 62 21.98 1.02 29.86
CA ASP B 62 23.31 0.87 29.28
C ASP B 62 23.21 0.55 27.80
N LEU B 63 22.28 -0.33 27.43
CA LEU B 63 22.08 -0.68 26.04
C LEU B 63 21.62 0.53 25.25
N THR B 64 20.67 1.28 25.81
CA THR B 64 20.13 2.46 25.12
C THR B 64 21.27 3.47 24.87
N LYS B 65 22.06 3.71 25.92
CA LYS B 65 23.19 4.63 25.85
C LYS B 65 24.22 4.19 24.82
N THR B 66 24.59 2.91 24.88
CA THR B 66 25.51 2.34 23.91
C THR B 66 25.00 2.54 22.49
N ASN B 67 23.70 2.30 22.28
CA ASN B 67 23.12 2.40 20.93
C ASN B 67 22.82 3.83 20.49
N MET B 68 22.39 4.68 21.40
CA MET B 68 21.72 5.91 20.93
C MET B 68 22.45 7.22 21.23
N GLN B 69 23.46 7.21 22.09
CA GLN B 69 24.07 8.44 22.58
C GLN B 69 24.58 9.38 21.46
N THR B 70 25.33 8.81 20.53
CA THR B 70 25.85 9.60 19.43
C THR B 70 24.71 10.28 18.68
N MET B 71 23.70 9.49 18.33
CA MET B 71 22.56 10.02 17.59
C MET B 71 21.79 11.07 18.37
N TYR B 72 21.83 10.97 19.71
CA TYR B 72 21.25 11.98 20.58
C TYR B 72 22.13 13.25 20.58
N GLU B 73 23.44 13.05 20.58
CA GLU B 73 24.39 14.16 20.54
C GLU B 73 24.28 14.87 19.19
N GLN B 74 23.89 14.14 18.16
CA GLN B 74 23.72 14.71 16.83
C GLN B 74 22.35 15.39 16.65
N SER B 75 21.51 15.33 17.68
CA SER B 75 20.18 15.97 17.60
C SER B 75 20.10 17.18 18.51
N GLU B 76 18.97 17.88 18.43
CA GLU B 76 18.75 19.07 19.24
C GLU B 76 18.68 18.74 20.73
N TRP B 77 18.24 17.53 21.05
CA TRP B 77 18.04 17.12 22.43
C TRP B 77 19.37 17.06 23.16
N GLY B 78 20.38 16.49 22.52
CA GLY B 78 21.62 16.11 23.18
C GLY B 78 21.44 14.89 24.08
N TRP B 79 22.54 14.22 24.42
CA TRP B 79 22.42 13.11 25.36
C TRP B 79 22.53 13.56 26.82
N LYS B 80 21.47 13.29 27.59
CA LYS B 80 21.47 13.66 29.00
C LYS B 80 21.19 12.45 29.91
N ASP B 81 22.29 11.93 30.49
CA ASP B 81 22.26 10.70 31.28
C ASP B 81 21.15 10.68 32.33
N ARG B 82 21.09 11.74 33.13
CA ARG B 82 20.19 11.70 34.28
C ARG B 82 18.75 11.77 33.80
N GLU B 83 18.53 12.60 32.78
CA GLU B 83 17.19 12.81 32.26
C GLU B 83 16.67 11.60 31.47
N LYS B 84 17.57 10.85 30.83
CA LYS B 84 17.17 9.63 30.16
C LYS B 84 16.91 8.53 31.20
N ARG B 85 17.73 8.44 32.24
CA ARG B 85 17.46 7.50 33.34
C ARG B 85 16.16 7.88 34.05
N GLU B 86 15.94 9.17 34.23
CA GLU B 86 14.69 9.67 34.79
C GLU B 86 13.51 9.14 33.98
N GLU B 87 13.62 9.27 32.67
CA GLU B 87 12.59 8.81 31.76
C GLU B 87 12.31 7.31 31.87
N MET B 88 13.38 6.51 31.86
CA MET B 88 13.26 5.06 31.80
C MET B 88 12.88 4.42 33.13
N THR B 89 12.89 5.18 34.23
CA THR B 89 12.59 4.62 35.54
C THR B 89 11.34 5.27 36.12
N ASP B 90 10.72 6.14 35.34
CA ASP B 90 9.41 6.70 35.66
C ASP B 90 8.40 5.59 35.95
N ASP B 91 7.56 5.76 36.97
CA ASP B 91 6.62 4.70 37.32
C ASP B 91 5.63 4.39 36.23
N ARG B 92 5.41 5.34 35.32
CA ARG B 92 4.45 5.12 34.27
C ARG B 92 4.99 4.25 33.13
N ALA B 93 6.26 3.85 33.25
CA ALA B 93 6.92 3.05 32.22
C ALA B 93 6.56 1.56 32.27
N TRP B 94 6.27 1.01 31.08
CA TRP B 94 6.08 -0.42 30.86
C TRP B 94 7.28 -0.94 30.08
N TYR B 95 7.63 -2.20 30.32
CA TYR B 95 8.72 -2.82 29.61
C TYR B 95 8.31 -4.16 29.03
N LEU B 96 8.75 -4.39 27.81
CA LEU B 96 8.75 -5.68 27.15
C LEU B 96 10.21 -6.14 27.21
N ILE B 97 10.49 -7.31 27.80
CA ILE B 97 11.87 -7.74 27.88
C ILE B 97 12.00 -9.11 27.26
N ALA B 98 12.99 -9.26 26.38
CA ALA B 98 13.28 -10.56 25.80
C ALA B 98 14.50 -11.17 26.52
N TRP B 99 14.33 -12.39 27.05
CA TRP B 99 15.39 -13.09 27.77
C TRP B 99 15.84 -14.29 26.98
N GLU B 100 17.14 -14.37 26.70
CA GLU B 100 17.73 -15.53 26.01
C GLU B 100 17.80 -16.68 26.99
N ASN B 101 17.25 -17.83 26.58
CA ASN B 101 17.33 -19.04 27.40
C ASN B 101 16.74 -18.66 28.77
N SER B 102 15.79 -17.71 28.74
CA SER B 102 15.15 -17.20 29.96
C SER B 102 16.13 -16.68 31.03
N SER B 103 17.40 -16.43 30.67
CA SER B 103 18.35 -15.99 31.68
C SER B 103 19.16 -14.73 31.36
N VAL B 104 19.25 -14.35 30.09
CA VAL B 104 20.07 -13.18 29.68
C VAL B 104 19.22 -12.17 28.87
N PRO B 105 19.10 -10.94 29.38
CA PRO B 105 18.28 -9.99 28.62
C PRO B 105 18.97 -9.47 27.36
N VAL B 106 18.29 -9.62 26.23
CA VAL B 106 18.92 -9.29 24.96
C VAL B 106 18.17 -8.23 24.14
N ALA B 107 16.93 -7.91 24.53
CA ALA B 107 16.11 -6.93 23.80
C ALA B 107 15.00 -6.37 24.68
N PHE B 108 14.63 -5.12 24.44
CA PHE B 108 13.52 -4.54 25.18
C PHE B 108 12.84 -3.40 24.48
N SER B 109 11.60 -3.17 24.87
CA SER B 109 10.90 -1.97 24.47
C SER B 109 10.41 -1.30 25.73
N HIS B 110 10.63 0.01 25.78
CA HIS B 110 10.05 0.86 26.82
C HIS B 110 8.85 1.53 26.19
N PHE B 111 7.66 1.27 26.72
CA PHE B 111 6.44 1.87 26.16
C PHE B 111 5.52 2.34 27.25
N ARG B 112 4.56 3.18 26.84
CA ARG B 112 3.53 3.65 27.76
C ARG B 112 2.15 3.68 27.11
N PHE B 113 1.11 3.65 27.95
CA PHE B 113 -0.24 3.98 27.53
C PHE B 113 -0.42 5.39 27.99
N ASP B 114 -0.68 6.30 27.05
CA ASP B 114 -0.65 7.71 27.38
C ASP B 114 -1.54 8.51 26.44
N VAL B 115 -1.63 9.81 26.70
CA VAL B 115 -2.35 10.72 25.82
C VAL B 115 -1.32 11.48 24.98
N GLU B 116 -1.58 11.58 23.68
CA GLU B 116 -0.75 12.40 22.79
C GLU B 116 -1.63 13.13 21.78
N CYS B 117 -1.56 14.48 21.82
CA CYS B 117 -2.36 15.35 20.96
C CYS B 117 -3.84 15.00 21.02
N GLY B 118 -4.32 14.79 22.24
CA GLY B 118 -5.74 14.52 22.49
C GLY B 118 -6.14 13.05 22.34
N ASP B 119 -5.22 12.21 21.85
CA ASP B 119 -5.59 10.82 21.58
C ASP B 119 -4.98 9.86 22.56
N GLU B 120 -5.71 8.76 22.80
CA GLU B 120 -5.18 7.64 23.55
C GLU B 120 -4.27 6.81 22.63
N VAL B 121 -3.02 6.68 23.03
CA VAL B 121 -2.01 6.00 22.21
C VAL B 121 -1.16 5.06 23.07
N LEU B 122 -0.56 4.07 22.41
CA LEU B 122 0.52 3.33 23.01
C LEU B 122 1.77 4.00 22.49
N TYR B 123 2.54 4.64 23.36
CA TYR B 123 3.76 5.31 22.91
C TYR B 123 5.00 4.43 23.09
N CYS B 124 5.68 4.14 21.98
CA CYS B 124 6.95 3.42 22.06
C CYS B 124 8.13 4.40 22.24
N TYR B 125 8.66 4.45 23.47
CA TYR B 125 9.79 5.31 23.87
C TYR B 125 11.10 4.76 23.39
N GLU B 126 11.17 3.45 23.37
CA GLU B 126 12.41 2.74 23.11
C GLU B 126 12.12 1.36 22.51
N VAL B 127 12.90 0.95 21.52
CA VAL B 127 13.05 -0.48 21.22
C VAL B 127 14.54 -0.73 20.89
N GLN B 128 15.18 -1.57 21.71
CA GLN B 128 16.64 -1.73 21.69
C GLN B 128 17.04 -3.20 21.73
N LEU B 129 17.90 -3.62 20.80
CA LEU B 129 18.38 -5.01 20.78
C LEU B 129 19.90 -5.04 20.94
N GLU B 130 20.40 -6.12 21.58
CA GLU B 130 21.83 -6.39 21.57
C GLU B 130 22.21 -6.60 20.12
N SER B 131 23.39 -6.13 19.72
CA SER B 131 23.77 -6.24 18.32
C SER B 131 23.67 -7.68 17.81
N LYS B 132 24.03 -8.64 18.67
CA LYS B 132 24.14 -10.03 18.23
C LYS B 132 22.80 -10.66 17.89
N VAL B 133 21.70 -10.07 18.34
CA VAL B 133 20.39 -10.66 18.02
C VAL B 133 19.57 -9.86 16.98
N ARG B 134 20.21 -8.90 16.30
CA ARG B 134 19.51 -8.05 15.35
C ARG B 134 19.30 -8.73 13.99
N ARG B 135 18.36 -8.20 13.20
CA ARG B 135 18.04 -8.73 11.88
C ARG B 135 17.72 -10.22 11.91
N LYS B 136 16.94 -10.61 12.92
CA LYS B 136 16.47 -11.97 13.04
C LYS B 136 14.96 -11.93 13.29
N GLY B 137 14.39 -10.73 13.21
CA GLY B 137 12.94 -10.57 13.29
C GLY B 137 12.42 -10.25 14.68
N LEU B 138 13.31 -10.20 15.65
CA LEU B 138 12.89 -9.99 17.02
C LEU B 138 12.35 -8.57 17.18
N GLY B 139 13.03 -7.62 16.55
CA GLY B 139 12.58 -6.24 16.59
C GLY B 139 11.17 -6.05 16.06
N LYS B 140 10.89 -6.63 14.89
CA LYS B 140 9.57 -6.56 14.27
C LYS B 140 8.52 -7.21 15.16
N PHE B 141 8.89 -8.33 15.76
CA PHE B 141 8.01 -9.06 16.65
C PHE B 141 7.63 -8.26 17.89
N LEU B 142 8.60 -7.55 18.46
CA LEU B 142 8.34 -6.73 19.64
C LEU B 142 7.33 -5.64 19.33
N ILE B 143 7.45 -5.04 18.14
CA ILE B 143 6.55 -3.98 17.73
C ILE B 143 5.16 -4.54 17.42
N GLN B 144 5.14 -5.79 16.96
CA GLN B 144 3.86 -6.44 16.72
C GLN B 144 3.13 -6.67 18.05
N ILE B 145 3.89 -6.96 19.10
CA ILE B 145 3.29 -7.16 20.41
C ILE B 145 2.71 -5.84 20.92
N LEU B 146 3.46 -4.73 20.71
CA LEU B 146 2.95 -3.41 21.04
C LEU B 146 1.66 -3.12 20.25
N GLN B 147 1.66 -3.52 18.98
CA GLN B 147 0.49 -3.28 18.15
C GLN B 147 -0.69 -4.10 18.63
N LEU B 148 -0.42 -5.34 19.02
CA LEU B 148 -1.46 -6.20 19.54
C LEU B 148 -1.99 -5.61 20.85
N MET B 149 -1.09 -5.13 21.70
CA MET B 149 -1.53 -4.50 22.95
C MET B 149 -2.30 -3.19 22.74
N ALA B 150 -1.90 -2.38 21.77
CA ALA B 150 -2.66 -1.17 21.48
C ALA B 150 -4.08 -1.53 21.00
N ASN B 151 -4.24 -2.63 20.28
CA ASN B 151 -5.57 -3.05 19.85
C ASN B 151 -6.43 -3.56 20.99
N SER B 152 -5.84 -4.41 21.84
CA SER B 152 -6.57 -5.06 22.91
C SER B 152 -7.00 -4.02 23.96
N THR B 153 -6.28 -2.91 24.05
CA THR B 153 -6.63 -1.89 25.04
C THR B 153 -7.43 -0.74 24.40
N GLN B 154 -7.59 -0.81 23.08
CA GLN B 154 -8.29 0.23 22.33
C GLN B 154 -7.57 1.59 22.33
N MET B 155 -6.24 1.58 22.23
CA MET B 155 -5.50 2.79 21.86
C MET B 155 -5.75 3.03 20.38
N LYS B 156 -5.61 4.28 19.91
CA LYS B 156 -5.86 4.58 18.51
C LYS B 156 -4.67 4.29 17.61
N LYS B 157 -3.47 4.26 18.18
CA LYS B 157 -2.28 3.97 17.38
C LYS B 157 -1.10 3.59 18.26
N VAL B 158 -0.03 3.08 17.64
CA VAL B 158 1.28 3.01 18.28
C VAL B 158 2.10 4.13 17.67
N MET B 159 2.68 5.01 18.49
CA MET B 159 3.54 6.05 17.92
C MET B 159 4.90 6.03 18.56
N LEU B 160 5.84 6.70 17.89
CA LEU B 160 7.21 6.78 18.37
C LEU B 160 7.94 7.94 17.69
N THR B 161 9.12 8.24 18.21
CA THR B 161 9.99 9.23 17.60
C THR B 161 11.25 8.55 17.05
N VAL B 162 11.61 8.90 15.83
CA VAL B 162 12.83 8.34 15.25
C VAL B 162 13.66 9.47 14.64
N PHE B 163 14.99 9.37 14.81
CA PHE B 163 15.93 10.34 14.27
C PHE B 163 15.99 10.22 12.75
N LYS B 164 16.01 11.35 12.07
CA LYS B 164 16.16 11.36 10.62
C LYS B 164 17.48 10.74 10.26
N HIS B 165 18.45 10.91 11.15
CA HIS B 165 19.80 10.37 10.98
C HIS B 165 19.98 8.96 11.55
N ASN B 166 18.88 8.37 12.01
CA ASN B 166 18.87 6.93 12.25
C ASN B 166 18.20 6.29 11.03
N HIS B 167 18.92 6.28 9.92
CA HIS B 167 18.29 5.89 8.66
C HIS B 167 17.79 4.44 8.71
N GLY B 168 18.58 3.56 9.33
CA GLY B 168 18.19 2.15 9.39
C GLY B 168 16.88 1.92 10.14
N ALA B 169 16.74 2.57 11.29
CA ALA B 169 15.52 2.44 12.06
C ALA B 169 14.34 3.06 11.31
N TYR B 170 14.56 4.17 10.62
CA TYR B 170 13.50 4.80 9.84
C TYR B 170 12.93 3.83 8.82
N GLN B 171 13.82 3.12 8.13
CA GLN B 171 13.39 2.14 7.14
C GLN B 171 12.66 0.99 7.79
N PHE B 172 13.17 0.57 8.95
CA PHE B 172 12.55 -0.48 9.73
C PHE B 172 11.07 -0.16 9.99
N PHE B 173 10.80 1.00 10.58
CA PHE B 173 9.41 1.39 10.87
C PHE B 173 8.62 1.79 9.64
N ARG B 174 9.20 2.64 8.78
CA ARG B 174 8.45 3.17 7.64
C ARG B 174 8.21 2.11 6.60
N GLU B 175 9.24 1.32 6.34
CA GLU B 175 9.20 0.42 5.19
C GLU B 175 8.85 -1.00 5.60
N ALA B 176 9.53 -1.59 6.58
CA ALA B 176 9.20 -2.96 6.94
C ALA B 176 7.84 -3.07 7.65
N LEU B 177 7.59 -2.17 8.60
CA LEU B 177 6.40 -2.25 9.45
C LEU B 177 5.32 -1.27 9.01
N GLN B 178 5.66 -0.48 7.99
CA GLN B 178 4.69 0.40 7.35
C GLN B 178 4.04 1.39 8.31
N PHE B 179 4.83 1.99 9.19
CA PHE B 179 4.33 3.11 9.96
C PHE B 179 4.14 4.29 9.05
N GLU B 180 3.14 5.11 9.32
CA GLU B 180 3.01 6.35 8.56
C GLU B 180 3.65 7.49 9.32
N ILE B 181 3.86 8.59 8.61
CA ILE B 181 4.26 9.83 9.26
C ILE B 181 3.04 10.41 9.94
N ASP B 182 3.15 10.61 11.25
CA ASP B 182 2.03 11.09 12.03
C ASP B 182 1.75 12.57 11.72
N ASP B 183 0.48 12.97 11.79
CA ASP B 183 0.11 14.36 11.55
C ASP B 183 0.81 15.30 12.54
N SER B 184 1.26 14.77 13.68
CA SER B 184 1.95 15.59 14.67
C SER B 184 3.45 15.70 14.40
N SER B 185 3.92 15.08 13.31
CA SER B 185 5.34 15.21 12.96
C SER B 185 5.60 16.63 12.43
N PRO B 186 6.73 17.22 12.86
CA PRO B 186 7.15 18.59 12.48
C PRO B 186 7.14 18.87 10.97
N SER B 187 7.32 17.84 10.13
CA SER B 187 7.16 17.94 8.66
C SER B 187 5.71 17.76 8.12
N ASP B 195 12.87 22.75 11.07
CA ASP B 195 14.20 22.17 10.84
C ASP B 195 14.59 21.20 11.96
N CYS B 196 13.68 20.28 12.29
CA CYS B 196 13.90 19.25 13.33
C CYS B 196 14.68 17.99 12.85
N SER B 197 15.39 17.34 13.76
CA SER B 197 16.16 16.16 13.37
C SER B 197 15.41 14.84 13.62
N TYR B 198 14.09 14.91 13.83
CA TYR B 198 13.31 13.71 14.08
C TYR B 198 11.96 13.69 13.38
N GLU B 199 11.36 12.50 13.29
CA GLU B 199 9.99 12.36 12.83
C GLU B 199 9.17 11.61 13.88
N ILE B 200 7.87 11.92 13.91
CA ILE B 200 6.95 11.15 14.70
C ILE B 200 6.25 10.18 13.74
N LEU B 201 6.30 8.88 14.07
CA LEU B 201 5.66 7.87 13.24
C LEU B 201 4.54 7.23 14.00
N SER B 202 3.50 6.78 13.28
CA SER B 202 2.40 6.08 13.93
C SER B 202 1.81 5.01 13.01
N ARG B 203 1.10 4.07 13.63
CA ARG B 203 0.37 3.02 12.93
C ARG B 203 -0.95 2.80 13.66
N ARG B 204 -2.08 3.01 12.98
CA ARG B 204 -3.37 2.95 13.65
C ARG B 204 -3.74 1.54 14.08
N THR B 205 -4.63 1.46 15.06
CA THR B 205 -5.18 0.18 15.46
C THR B 205 -6.33 -0.16 14.51
N LYS B 206 -6.85 -1.39 14.58
CA LYS B 206 -7.70 -1.92 13.50
C LYS B 206 -9.17 -2.23 13.85
N PHE B 207 -9.61 -1.86 15.06
CA PHE B 207 -10.98 -2.18 15.44
C PHE B 207 -11.95 -1.06 15.03
N ARG C 6 27.23 -11.82 -24.42
CA ARG C 6 27.99 -11.09 -25.43
C ARG C 6 27.04 -10.49 -26.44
N ALA C 7 26.02 -11.26 -26.83
CA ALA C 7 24.98 -10.77 -27.72
C ALA C 7 24.11 -9.74 -27.00
N ALA C 8 23.87 -9.96 -25.71
CA ALA C 8 23.09 -9.02 -24.90
C ALA C 8 23.85 -7.69 -24.71
N MET C 9 25.16 -7.78 -24.50
CA MET C 9 26.00 -6.59 -24.34
C MET C 9 26.02 -5.75 -25.61
N ASP C 10 25.91 -6.42 -26.75
CA ASP C 10 25.88 -5.76 -28.05
C ASP C 10 24.66 -4.86 -28.18
N ALA C 11 23.51 -5.40 -27.80
CA ALA C 11 22.22 -4.70 -27.89
C ALA C 11 22.15 -3.51 -26.95
N VAL C 12 22.68 -3.72 -25.74
CA VAL C 12 22.70 -2.70 -24.69
C VAL C 12 23.45 -1.46 -25.11
N CYS C 13 24.62 -1.65 -25.71
CA CYS C 13 25.42 -0.52 -26.14
C CYS C 13 24.75 0.16 -27.32
N ALA C 14 24.04 -0.61 -28.13
CA ALA C 14 23.35 -0.05 -29.28
C ALA C 14 22.28 0.95 -28.85
N LYS C 15 21.50 0.58 -27.83
CA LYS C 15 20.39 1.41 -27.37
C LYS C 15 20.86 2.68 -26.67
N VAL C 16 21.93 2.53 -25.90
CA VAL C 16 22.55 3.67 -25.23
C VAL C 16 23.16 4.64 -26.24
N ASP C 17 23.83 4.09 -27.26
CA ASP C 17 24.50 4.90 -28.27
C ASP C 17 23.45 5.61 -29.10
N ALA C 18 22.35 4.90 -29.36
CA ALA C 18 21.20 5.45 -30.08
C ALA C 18 20.58 6.65 -29.35
N ALA C 19 20.39 6.49 -28.04
CA ALA C 19 19.81 7.55 -27.22
C ALA C 19 20.71 8.79 -27.20
N ASN C 20 22.03 8.54 -27.16
CA ASN C 20 23.01 9.61 -27.11
C ASN C 20 23.19 10.33 -28.45
N ARG C 21 22.63 9.78 -29.52
CA ARG C 21 22.64 10.43 -30.83
C ARG C 21 21.43 11.31 -31.11
N LEU C 22 20.45 11.28 -30.20
CA LEU C 22 19.25 12.11 -30.35
C LEU C 22 19.62 13.59 -30.28
N GLY C 23 18.91 14.41 -31.06
CA GLY C 23 19.11 15.84 -31.00
C GLY C 23 18.52 16.43 -29.73
N ASP C 24 17.24 16.18 -29.54
CA ASP C 24 16.53 16.62 -28.35
C ASP C 24 15.57 15.55 -27.87
N PRO C 25 15.93 14.82 -26.81
CA PRO C 25 15.06 13.78 -26.25
C PRO C 25 13.69 14.32 -25.77
N LEU C 26 13.59 15.62 -25.49
CA LEU C 26 12.30 16.18 -25.07
C LEU C 26 11.36 16.44 -26.25
N GLU C 27 11.88 16.24 -27.45
CA GLU C 27 11.13 16.49 -28.66
C GLU C 27 9.97 15.48 -28.70
N ALA C 28 10.18 14.32 -28.07
CA ALA C 28 9.18 13.27 -28.16
C ALA C 28 7.94 13.53 -27.29
N PHE C 29 8.04 14.45 -26.34
CA PHE C 29 6.88 14.83 -25.53
C PHE C 29 6.92 16.33 -25.24
N PRO C 30 6.71 17.16 -26.28
CA PRO C 30 6.86 18.61 -26.12
C PRO C 30 5.89 19.27 -25.12
N VAL C 31 4.81 18.58 -24.73
CA VAL C 31 3.94 19.13 -23.70
C VAL C 31 4.69 19.24 -22.34
N PHE C 32 5.85 18.58 -22.24
CA PHE C 32 6.68 18.71 -21.03
C PHE C 32 7.74 19.82 -21.13
N LYS C 33 7.66 20.68 -22.14
CA LYS C 33 8.62 21.80 -22.20
C LYS C 33 8.09 23.02 -21.43
N LYS C 34 6.89 22.89 -20.88
CA LYS C 34 6.30 23.92 -20.03
C LYS C 34 5.85 23.31 -18.70
N TYR C 35 6.14 24.03 -17.60
CA TYR C 35 5.55 23.71 -16.31
C TYR C 35 4.94 24.97 -15.71
N ASP C 36 3.62 24.96 -15.56
CA ASP C 36 2.90 26.08 -14.97
C ASP C 36 1.87 25.57 -13.96
N ARG C 37 2.34 25.40 -12.73
CA ARG C 37 1.47 24.98 -11.63
C ARG C 37 2.01 25.63 -10.37
N ASN C 38 1.13 25.87 -9.39
CA ASN C 38 1.55 26.34 -8.07
C ASN C 38 2.39 27.62 -8.10
N GLY C 39 2.05 28.55 -9.00
CA GLY C 39 2.72 29.83 -9.06
C GLY C 39 4.04 29.79 -9.79
N LEU C 40 4.38 28.60 -10.29
CA LEU C 40 5.56 28.45 -11.12
C LEU C 40 5.14 28.53 -12.58
N ASN C 41 5.91 29.24 -13.39
CA ASN C 41 5.73 29.19 -14.84
C ASN C 41 7.11 29.15 -15.48
N VAL C 42 7.41 28.00 -16.06
CA VAL C 42 8.78 27.70 -16.42
C VAL C 42 8.82 26.97 -17.75
N SER C 43 9.86 27.20 -18.52
CA SER C 43 10.05 26.45 -19.75
C SER C 43 11.23 25.50 -19.54
N ILE C 44 11.18 24.34 -20.18
CA ILE C 44 12.20 23.35 -19.90
C ILE C 44 12.87 22.92 -21.20
N GLU C 45 14.19 22.86 -21.17
CA GLU C 45 14.95 22.45 -22.34
C GLU C 45 15.89 21.32 -21.99
N CYS C 46 16.12 20.46 -22.97
CA CYS C 46 17.05 19.35 -22.84
C CYS C 46 18.18 19.54 -23.84
N LYS C 47 19.38 19.74 -23.33
CA LYS C 47 20.54 20.03 -24.17
C LYS C 47 21.75 19.26 -23.68
N ARG C 48 22.62 18.88 -24.60
CA ARG C 48 23.92 18.40 -24.17
C ARG C 48 24.72 19.53 -23.53
N VAL C 49 25.67 19.15 -22.67
CA VAL C 49 26.45 20.15 -21.92
C VAL C 49 27.24 21.03 -22.91
N SER C 50 27.62 20.45 -24.05
CA SER C 50 28.29 21.18 -25.13
C SER C 50 27.40 22.30 -25.71
N GLY C 51 26.10 22.16 -25.59
CA GLY C 51 25.15 23.10 -26.18
C GLY C 51 24.73 24.16 -25.18
N LEU C 52 25.41 24.19 -24.03
CA LEU C 52 25.08 25.15 -23.00
C LEU C 52 26.11 26.28 -22.91
N GLU C 53 25.65 27.48 -22.59
CA GLU C 53 26.54 28.60 -22.33
C GLU C 53 27.37 28.32 -21.08
N PRO C 54 28.66 28.70 -21.10
CA PRO C 54 29.53 28.51 -19.93
C PRO C 54 28.93 29.06 -18.63
N ALA C 55 28.19 30.18 -18.72
CA ALA C 55 27.59 30.77 -17.53
C ALA C 55 26.49 29.86 -16.96
N THR C 56 25.75 29.21 -17.86
CA THR C 56 24.68 28.30 -17.48
C THR C 56 25.22 27.09 -16.75
N VAL C 57 26.30 26.52 -17.28
CA VAL C 57 26.98 25.40 -16.64
C VAL C 57 27.53 25.77 -15.25
N ASP C 58 28.10 26.95 -15.13
CA ASP C 58 28.62 27.42 -13.85
C ASP C 58 27.52 27.54 -12.80
N TRP C 59 26.36 28.05 -13.20
CA TRP C 59 25.25 28.20 -12.27
C TRP C 59 24.83 26.86 -11.70
N ALA C 60 24.86 25.83 -12.55
CA ALA C 60 24.48 24.48 -12.13
C ALA C 60 25.50 23.89 -11.14
N PHE C 61 26.79 24.01 -11.44
CA PHE C 61 27.81 23.57 -10.51
C PHE C 61 27.62 24.27 -9.18
N ASP C 62 27.45 25.59 -9.24
CA ASP C 62 27.32 26.43 -8.06
C ASP C 62 26.06 26.12 -7.25
N LEU C 63 24.95 25.89 -7.95
CA LEU C 63 23.70 25.54 -7.29
C LEU C 63 23.91 24.24 -6.57
N THR C 64 24.52 23.30 -7.28
CA THR C 64 24.78 21.98 -6.75
C THR C 64 25.67 22.05 -5.49
N LYS C 65 26.76 22.80 -5.58
CA LYS C 65 27.69 22.97 -4.46
C LYS C 65 27.04 23.63 -3.22
N THR C 66 26.31 24.71 -3.45
CA THR C 66 25.59 25.38 -2.37
C THR C 66 24.67 24.41 -1.63
N ASN C 67 23.98 23.58 -2.41
CA ASN C 67 23.00 22.66 -1.86
C ASN C 67 23.64 21.41 -1.25
N MET C 68 24.72 20.92 -1.85
CA MET C 68 25.15 19.55 -1.54
C MET C 68 26.50 19.45 -0.82
N GLN C 69 27.27 20.53 -0.76
CA GLN C 69 28.66 20.43 -0.30
C GLN C 69 28.80 19.84 1.11
N THR C 70 28.00 20.34 2.04
CA THR C 70 28.02 19.86 3.41
C THR C 70 27.74 18.35 3.46
N MET C 71 26.69 17.93 2.76
CA MET C 71 26.31 16.52 2.70
C MET C 71 27.36 15.66 2.01
N TYR C 72 28.11 16.24 1.08
CA TYR C 72 29.23 15.51 0.47
C TYR C 72 30.32 15.34 1.49
N GLU C 73 30.56 16.38 2.28
CA GLU C 73 31.57 16.35 3.34
C GLU C 73 31.19 15.36 4.41
N GLN C 74 29.88 15.21 4.65
CA GLN C 74 29.39 14.27 5.67
C GLN C 74 29.37 12.84 5.16
N SER C 75 29.75 12.64 3.91
CA SER C 75 29.79 11.30 3.33
C SER C 75 31.24 10.87 3.14
N GLU C 76 31.44 9.63 2.70
CA GLU C 76 32.78 9.11 2.45
C GLU C 76 33.44 9.81 1.28
N TRP C 77 32.64 10.31 0.35
CA TRP C 77 33.16 10.93 -0.86
C TRP C 77 33.96 12.19 -0.60
N GLY C 78 33.43 13.03 0.28
CA GLY C 78 33.89 14.41 0.43
C GLY C 78 33.45 15.22 -0.78
N TRP C 79 33.46 16.55 -0.65
CA TRP C 79 33.26 17.42 -1.80
C TRP C 79 34.61 17.71 -2.49
N LYS C 80 34.72 17.35 -3.76
CA LYS C 80 35.95 17.61 -4.51
C LYS C 80 35.62 18.43 -5.76
N ASP C 81 35.93 19.72 -5.68
CA ASP C 81 35.59 20.70 -6.71
C ASP C 81 35.94 20.24 -8.13
N ARG C 82 37.19 19.81 -8.31
CA ARG C 82 37.68 19.51 -9.64
C ARG C 82 37.06 18.24 -10.21
N GLU C 83 36.93 17.20 -9.39
CA GLU C 83 36.39 15.93 -9.86
C GLU C 83 34.90 16.06 -10.19
N LYS C 84 34.21 16.93 -9.48
CA LYS C 84 32.80 17.20 -9.74
C LYS C 84 32.57 18.09 -10.98
N ARG C 85 33.42 19.10 -11.16
CA ARG C 85 33.26 19.99 -12.30
C ARG C 85 33.45 19.19 -13.60
N GLU C 86 34.43 18.28 -13.58
CA GLU C 86 34.69 17.35 -14.67
C GLU C 86 33.43 16.52 -14.96
N GLU C 87 32.87 15.98 -13.88
CA GLU C 87 31.68 15.15 -13.95
C GLU C 87 30.53 15.90 -14.61
N MET C 88 30.32 17.14 -14.21
CA MET C 88 29.20 17.89 -14.75
C MET C 88 29.45 18.44 -16.15
N THR C 89 30.70 18.39 -16.61
CA THR C 89 31.03 18.92 -17.94
C THR C 89 31.59 17.84 -18.85
N ASP C 90 31.52 16.58 -18.41
CA ASP C 90 31.81 15.42 -19.25
C ASP C 90 30.99 15.50 -20.54
N ASP C 91 31.56 15.06 -21.66
CA ASP C 91 30.89 15.20 -22.95
C ASP C 91 29.56 14.43 -23.09
N ARG C 92 29.44 13.27 -22.42
CA ARG C 92 28.23 12.46 -22.54
C ARG C 92 27.14 12.93 -21.57
N ALA C 93 27.39 14.03 -20.87
CA ALA C 93 26.43 14.56 -19.93
C ALA C 93 25.32 15.30 -20.66
N TRP C 94 24.09 15.02 -20.24
CA TRP C 94 22.87 15.70 -20.68
C TRP C 94 22.32 16.62 -19.59
N TYR C 95 21.64 17.71 -19.97
CA TYR C 95 21.06 18.60 -18.97
C TYR C 95 19.62 18.89 -19.22
N LEU C 96 18.85 18.83 -18.14
CA LEU C 96 17.48 19.28 -18.14
C LEU C 96 17.45 20.61 -17.42
N ILE C 97 17.01 21.67 -18.07
CA ILE C 97 17.01 22.97 -17.40
C ILE C 97 15.65 23.65 -17.48
N ALA C 98 15.22 24.17 -16.34
CA ALA C 98 13.99 24.94 -16.22
C ALA C 98 14.35 26.42 -16.16
N TRP C 99 13.75 27.19 -17.08
CA TRP C 99 13.98 28.63 -17.16
C TRP C 99 12.70 29.37 -16.78
N GLU C 100 12.87 30.30 -15.85
CA GLU C 100 11.82 31.22 -15.43
C GLU C 100 11.71 32.28 -16.52
N ASN C 101 12.87 32.58 -17.09
CA ASN C 101 13.08 33.36 -18.34
C ASN C 101 13.75 34.72 -18.11
N SER C 102 14.53 35.14 -19.11
CA SER C 102 14.91 34.28 -20.24
C SER C 102 16.37 34.02 -20.04
N SER C 103 16.82 34.47 -18.86
CA SER C 103 18.20 34.45 -18.42
C SER C 103 18.30 33.77 -17.06
N VAL C 104 17.15 33.39 -16.47
CA VAL C 104 17.20 32.83 -15.11
C VAL C 104 16.73 31.37 -15.08
N PRO C 105 17.72 30.48 -14.89
CA PRO C 105 17.60 29.04 -14.65
C PRO C 105 17.29 28.83 -13.17
N VAL C 106 16.23 28.07 -12.87
CA VAL C 106 15.80 27.93 -11.48
C VAL C 106 15.87 26.48 -11.02
N ALA C 107 16.12 25.58 -11.96
CA ALA C 107 16.17 24.14 -11.67
C ALA C 107 16.88 23.42 -12.80
N PHE C 108 17.55 22.31 -12.45
CA PHE C 108 18.16 21.50 -13.48
C PHE C 108 18.33 20.02 -13.08
N SER C 109 18.52 19.17 -14.09
CA SER C 109 18.94 17.81 -13.88
C SER C 109 20.12 17.47 -14.79
N HIS C 110 21.15 16.87 -14.22
CA HIS C 110 22.24 16.30 -15.01
C HIS C 110 21.98 14.80 -15.10
N PHE C 111 21.75 14.32 -16.31
CA PHE C 111 21.48 12.90 -16.52
C PHE C 111 22.21 12.34 -17.73
N ARG C 112 22.35 11.02 -17.77
CA ARG C 112 23.02 10.38 -18.90
C ARG C 112 22.31 9.13 -19.36
N PHE C 113 22.60 8.75 -20.59
CA PHE C 113 22.26 7.41 -21.05
C PHE C 113 23.55 6.60 -20.99
N ASP C 114 23.55 5.52 -20.22
CA ASP C 114 24.79 4.80 -19.95
C ASP C 114 24.51 3.34 -19.58
N VAL C 115 25.58 2.57 -19.38
CA VAL C 115 25.45 1.22 -18.86
C VAL C 115 25.83 1.16 -17.39
N GLU C 116 25.01 0.45 -16.62
CA GLU C 116 25.31 0.19 -15.24
C GLU C 116 24.94 -1.26 -14.94
N CYS C 117 25.91 -2.01 -14.41
CA CYS C 117 25.74 -3.42 -14.07
C CYS C 117 25.17 -4.26 -15.21
N GLY C 118 25.63 -3.99 -16.42
CA GLY C 118 25.22 -4.81 -17.56
C GLY C 118 23.91 -4.39 -18.18
N ASP C 119 23.26 -3.41 -17.57
CA ASP C 119 21.95 -2.96 -18.05
C ASP C 119 22.07 -1.56 -18.66
N GLU C 120 21.24 -1.28 -19.66
CA GLU C 120 21.14 0.08 -20.21
C GLU C 120 20.25 0.93 -19.29
N VAL C 121 20.78 2.06 -18.82
CA VAL C 121 20.06 2.89 -17.85
C VAL C 121 20.10 4.40 -18.16
N LEU C 122 19.11 5.12 -17.64
CA LEU C 122 19.19 6.59 -17.55
C LEU C 122 19.61 6.92 -16.14
N TYR C 123 20.83 7.44 -15.99
CA TYR C 123 21.32 7.80 -14.68
C TYR C 123 21.10 9.28 -14.40
N CYS C 124 20.32 9.56 -13.35
CA CYS C 124 20.17 10.91 -12.85
C CYS C 124 21.30 11.23 -11.87
N TYR C 125 22.26 12.03 -12.33
CA TYR C 125 23.40 12.43 -11.53
C TYR C 125 23.01 13.49 -10.51
N GLU C 126 22.08 14.34 -10.92
CA GLU C 126 21.73 15.53 -10.17
C GLU C 126 20.28 15.92 -10.48
N VAL C 127 19.52 16.29 -9.47
CA VAL C 127 18.31 17.09 -9.69
C VAL C 127 18.29 18.18 -8.61
N GLN C 128 18.37 19.44 -9.05
CA GLN C 128 18.67 20.56 -8.16
C GLN C 128 17.77 21.77 -8.46
N LEU C 129 17.11 22.28 -7.43
CA LEU C 129 16.19 23.41 -7.59
C LEU C 129 16.63 24.58 -6.72
N GLU C 130 16.36 25.80 -7.18
CA GLU C 130 16.46 26.97 -6.31
C GLU C 130 15.45 26.81 -5.18
N SER C 131 15.81 27.29 -4.00
CA SER C 131 14.94 27.19 -2.82
C SER C 131 13.52 27.70 -3.13
N LYS C 132 13.44 28.78 -3.91
CA LYS C 132 12.16 29.45 -4.12
C LYS C 132 11.18 28.64 -4.98
N VAL C 133 11.70 27.68 -5.74
CA VAL C 133 10.86 26.90 -6.63
C VAL C 133 10.62 25.46 -6.11
N ARG C 134 10.96 25.23 -4.84
CA ARG C 134 10.79 23.90 -4.23
C ARG C 134 9.39 23.64 -3.65
N ARG C 135 9.08 22.35 -3.47
CA ARG C 135 7.79 21.89 -2.95
C ARG C 135 6.61 22.48 -3.74
N LYS C 136 6.79 22.54 -5.05
CA LYS C 136 5.74 23.03 -5.94
C LYS C 136 5.48 22.06 -7.08
N GLY C 137 6.14 20.91 -7.02
CA GLY C 137 5.90 19.86 -8.00
C GLY C 137 6.89 19.81 -9.15
N LEU C 138 7.84 20.75 -9.17
CA LEU C 138 8.77 20.83 -10.30
C LEU C 138 9.74 19.62 -10.32
N GLY C 139 10.28 19.25 -9.16
CA GLY C 139 11.18 18.12 -9.05
C GLY C 139 10.52 16.83 -9.53
N LYS C 140 9.30 16.60 -9.06
CA LYS C 140 8.55 15.42 -9.46
C LYS C 140 8.33 15.41 -10.97
N PHE C 141 8.03 16.60 -11.52
CA PHE C 141 7.79 16.79 -12.94
C PHE C 141 9.07 16.47 -13.72
N LEU C 142 10.20 16.95 -13.22
CA LEU C 142 11.47 16.71 -13.88
C LEU C 142 11.83 15.23 -13.90
N ILE C 143 11.61 14.54 -12.78
CA ILE C 143 11.95 13.12 -12.71
C ILE C 143 11.01 12.30 -13.60
N GLN C 144 9.76 12.76 -13.77
CA GLN C 144 8.86 12.10 -14.72
C GLN C 144 9.32 12.24 -16.17
N ILE C 145 9.97 13.36 -16.49
CA ILE C 145 10.49 13.55 -17.83
C ILE C 145 11.58 12.52 -18.11
N LEU C 146 12.47 12.35 -17.14
CA LEU C 146 13.52 11.34 -17.23
C LEU C 146 12.87 9.95 -17.41
N GLN C 147 11.77 9.71 -16.69
CA GLN C 147 11.07 8.44 -16.74
C GLN C 147 10.41 8.19 -18.09
N LEU C 148 9.81 9.23 -18.65
CA LEU C 148 9.25 9.15 -19.97
C LEU C 148 10.38 8.92 -20.99
N MET C 149 11.50 9.61 -20.78
CA MET C 149 12.66 9.46 -21.66
C MET C 149 13.25 8.04 -21.59
N ALA C 150 13.34 7.47 -20.39
CA ALA C 150 13.88 6.13 -20.24
C ALA C 150 12.99 5.13 -20.96
N ASN C 151 11.68 5.38 -20.92
CA ASN C 151 10.76 4.51 -21.64
C ASN C 151 10.89 4.71 -23.15
N SER C 152 11.04 5.96 -23.57
CA SER C 152 11.15 6.27 -24.98
C SER C 152 12.45 5.73 -25.62
N THR C 153 13.52 5.68 -24.85
CA THR C 153 14.83 5.27 -25.37
C THR C 153 15.15 3.79 -25.07
N GLN C 154 14.24 3.13 -24.37
CA GLN C 154 14.35 1.72 -23.99
C GLN C 154 15.45 1.48 -22.95
N MET C 155 15.58 2.43 -22.02
CA MET C 155 16.37 2.20 -20.81
C MET C 155 15.60 1.26 -19.90
N LYS C 156 16.32 0.53 -19.05
CA LYS C 156 15.68 -0.45 -18.16
C LYS C 156 15.18 0.20 -16.88
N LYS C 157 15.80 1.31 -16.51
CA LYS C 157 15.39 2.07 -15.34
C LYS C 157 15.96 3.48 -15.32
N VAL C 158 15.42 4.29 -14.42
CA VAL C 158 16.04 5.55 -14.03
C VAL C 158 16.71 5.26 -12.70
N MET C 159 18.01 5.54 -12.59
CA MET C 159 18.75 5.36 -11.34
C MET C 159 19.32 6.66 -10.88
N LEU C 160 19.67 6.69 -9.61
CA LEU C 160 20.30 7.84 -9.00
C LEU C 160 20.92 7.39 -7.71
N THR C 161 21.76 8.24 -7.12
CA THR C 161 22.35 8.01 -5.81
C THR C 161 21.82 9.08 -4.85
N VAL C 162 21.45 8.67 -3.65
CA VAL C 162 21.00 9.61 -2.63
C VAL C 162 21.71 9.31 -1.29
N PHE C 163 22.10 10.38 -0.61
CA PHE C 163 22.69 10.28 0.72
C PHE C 163 21.63 9.86 1.74
N LYS C 164 22.01 8.97 2.65
CA LYS C 164 21.13 8.60 3.75
C LYS C 164 20.85 9.82 4.60
N HIS C 165 21.84 10.70 4.69
CA HIS C 165 21.72 11.91 5.51
C HIS C 165 21.07 13.06 4.75
N ASN C 166 20.60 12.77 3.52
CA ASN C 166 19.68 13.67 2.81
C ASN C 166 18.28 13.11 2.95
N HIS C 167 17.75 13.18 4.18
CA HIS C 167 16.50 12.53 4.53
C HIS C 167 15.35 13.02 3.68
N GLY C 168 15.34 14.33 3.42
CA GLY C 168 14.27 14.94 2.64
C GLY C 168 14.21 14.43 1.21
N ALA C 169 15.37 14.34 0.56
CA ALA C 169 15.44 13.83 -0.80
C ALA C 169 15.10 12.34 -0.85
N TYR C 170 15.51 11.60 0.17
CA TYR C 170 15.20 10.18 0.25
C TYR C 170 13.68 9.97 0.22
N GLN C 171 12.99 10.79 1.01
CA GLN C 171 11.55 10.69 1.09
C GLN C 171 10.93 11.07 -0.24
N PHE C 172 11.49 12.11 -0.87
CA PHE C 172 11.09 12.54 -2.22
C PHE C 172 11.14 11.36 -3.21
N PHE C 173 12.28 10.68 -3.30
CA PHE C 173 12.42 9.55 -4.24
C PHE C 173 11.69 8.28 -3.80
N ARG C 174 11.92 7.86 -2.55
CA ARG C 174 11.40 6.58 -2.08
C ARG C 174 9.89 6.59 -1.89
N GLU C 175 9.38 7.67 -1.30
CA GLU C 175 8.00 7.68 -0.86
C GLU C 175 7.09 8.40 -1.85
N ALA C 176 7.46 9.61 -2.23
CA ALA C 176 6.63 10.36 -3.15
C ALA C 176 6.65 9.77 -4.56
N LEU C 177 7.85 9.37 -5.01
CA LEU C 177 8.04 8.92 -6.38
C LEU C 177 8.19 7.41 -6.49
N GLN C 178 8.16 6.75 -5.33
CA GLN C 178 8.15 5.29 -5.27
C GLN C 178 9.33 4.66 -5.99
N PHE C 179 10.51 5.23 -5.79
CA PHE C 179 11.73 4.57 -6.23
C PHE C 179 11.98 3.38 -5.32
N GLU C 180 12.59 2.33 -5.88
CA GLU C 180 13.03 1.19 -5.10
C GLU C 180 14.50 1.37 -4.71
N ILE C 181 14.94 0.60 -3.72
CA ILE C 181 16.36 0.44 -3.46
C ILE C 181 16.90 -0.56 -4.51
N ASP C 182 17.86 -0.12 -5.31
CA ASP C 182 18.38 -0.98 -6.39
C ASP C 182 19.25 -2.10 -5.82
N ASP C 183 19.28 -3.24 -6.51
CA ASP C 183 20.07 -4.39 -6.07
C ASP C 183 21.56 -4.06 -5.98
N SER C 184 22.00 -3.03 -6.70
CA SER C 184 23.41 -2.65 -6.71
C SER C 184 23.73 -1.72 -5.55
N SER C 185 22.73 -1.44 -4.70
CA SER C 185 22.96 -0.60 -3.53
C SER C 185 23.80 -1.39 -2.50
N PRO C 186 24.76 -0.72 -1.86
CA PRO C 186 25.70 -1.38 -0.93
C PRO C 186 25.06 -2.25 0.15
N SER C 187 25.80 -3.26 0.57
CA SER C 187 25.47 -4.07 1.74
C SER C 187 26.04 -3.38 3.00
N ASP C 195 29.23 0.77 7.20
CA ASP C 195 28.00 1.08 6.46
C ASP C 195 28.21 2.30 5.56
N CYS C 196 27.74 2.22 4.31
CA CYS C 196 27.86 3.35 3.39
C CYS C 196 26.79 4.39 3.69
N SER C 197 27.10 5.65 3.42
CA SER C 197 26.20 6.74 3.76
C SER C 197 25.29 7.12 2.61
N TYR C 198 25.22 6.28 1.59
CA TYR C 198 24.36 6.55 0.44
C TYR C 198 23.63 5.28 0.00
N GLU C 199 22.53 5.47 -0.71
CA GLU C 199 21.86 4.33 -1.30
C GLU C 199 21.66 4.59 -2.78
N ILE C 200 21.61 3.51 -3.55
CA ILE C 200 21.27 3.61 -4.95
C ILE C 200 19.81 3.24 -5.13
N LEU C 201 19.06 4.16 -5.72
CA LEU C 201 17.64 3.96 -5.94
C LEU C 201 17.36 3.85 -7.42
N SER C 202 16.32 3.12 -7.77
CA SER C 202 15.94 3.00 -9.16
C SER C 202 14.43 2.85 -9.30
N ARG C 203 13.94 3.18 -10.50
CA ARG C 203 12.55 3.00 -10.84
C ARG C 203 12.54 2.42 -12.25
N ARG C 204 12.04 1.20 -12.40
CA ARG C 204 12.08 0.51 -13.67
C ARG C 204 11.14 1.12 -14.71
N THR C 205 11.42 0.83 -15.98
CA THR C 205 10.53 1.15 -17.09
C THR C 205 9.46 0.04 -17.23
N LYS C 206 8.46 0.23 -18.08
CA LYS C 206 7.26 -0.62 -18.00
C LYS C 206 7.25 -1.81 -18.97
N PHE C 207 8.24 -1.90 -19.84
CA PHE C 207 8.28 -2.97 -20.83
C PHE C 207 9.12 -4.16 -20.35
N MET D 9 -11.90 24.67 -16.90
CA MET D 9 -12.52 23.76 -17.87
C MET D 9 -11.88 23.97 -19.23
N ASP D 10 -11.52 25.22 -19.53
CA ASP D 10 -10.81 25.53 -20.75
C ASP D 10 -9.44 24.85 -20.70
N ALA D 11 -8.83 24.90 -19.52
CA ALA D 11 -7.49 24.34 -19.31
C ALA D 11 -7.54 22.81 -19.45
N VAL D 12 -8.57 22.22 -18.86
CA VAL D 12 -8.79 20.79 -18.97
C VAL D 12 -9.05 20.38 -20.42
N CYS D 13 -9.90 21.14 -21.13
CA CYS D 13 -10.22 20.85 -22.52
C CYS D 13 -9.02 21.08 -23.42
N ALA D 14 -8.15 22.00 -23.03
CA ALA D 14 -6.96 22.27 -23.82
C ALA D 14 -6.07 21.03 -23.96
N LYS D 15 -5.83 20.36 -22.84
CA LYS D 15 -4.94 19.20 -22.83
C LYS D 15 -5.56 17.97 -23.50
N VAL D 16 -6.86 17.78 -23.29
CA VAL D 16 -7.59 16.67 -23.91
C VAL D 16 -7.56 16.82 -25.44
N ASP D 17 -7.76 18.04 -25.91
CA ASP D 17 -7.79 18.27 -27.35
C ASP D 17 -6.38 18.10 -27.95
N ALA D 18 -5.36 18.53 -27.20
CA ALA D 18 -3.98 18.36 -27.62
C ALA D 18 -3.66 16.88 -27.84
N ALA D 19 -4.13 16.03 -26.92
CA ALA D 19 -3.99 14.59 -27.04
C ALA D 19 -4.80 13.98 -28.22
N ASN D 20 -6.04 14.46 -28.42
CA ASN D 20 -6.87 13.91 -29.51
C ASN D 20 -6.40 14.34 -30.92
N ARG D 21 -5.48 15.30 -30.99
CA ARG D 21 -4.92 15.75 -32.27
C ARG D 21 -3.59 15.06 -32.64
N LEU D 22 -3.08 14.24 -31.74
CA LEU D 22 -1.84 13.48 -31.97
C LEU D 22 -1.99 12.47 -33.11
N GLY D 23 -0.92 12.30 -33.89
CA GLY D 23 -0.96 11.32 -34.96
C GLY D 23 -0.86 9.92 -34.43
N ASP D 24 0.23 9.67 -33.71
CA ASP D 24 0.46 8.38 -33.08
C ASP D 24 0.97 8.66 -31.67
N PRO D 25 0.08 8.54 -30.67
CA PRO D 25 0.40 8.75 -29.24
C PRO D 25 1.46 7.77 -28.76
N LEU D 26 1.57 6.65 -29.47
CA LEU D 26 2.55 5.61 -29.20
C LEU D 26 3.86 5.80 -29.97
N GLU D 27 3.99 6.89 -30.72
CA GLU D 27 5.18 7.03 -31.56
C GLU D 27 6.51 7.15 -30.78
N ALA D 28 6.49 7.79 -29.63
CA ALA D 28 7.71 8.00 -28.86
C ALA D 28 8.12 6.73 -28.12
N PHE D 29 7.25 5.72 -28.10
CA PHE D 29 7.52 4.53 -27.34
C PHE D 29 7.37 3.24 -28.14
N PRO D 30 8.24 3.06 -29.16
CA PRO D 30 8.13 1.88 -30.04
C PRO D 30 8.39 0.53 -29.35
N VAL D 31 9.09 0.54 -28.22
CA VAL D 31 9.33 -0.72 -27.50
C VAL D 31 8.02 -1.29 -26.95
N PHE D 32 6.99 -0.46 -26.90
CA PHE D 32 5.70 -0.94 -26.41
C PHE D 32 4.80 -1.42 -27.54
N LYS D 33 5.32 -1.46 -28.77
CA LYS D 33 4.55 -1.94 -29.92
C LYS D 33 4.72 -3.43 -30.14
N LYS D 34 5.54 -4.06 -29.31
CA LYS D 34 5.71 -5.50 -29.34
C LYS D 34 5.52 -6.11 -27.93
N TYR D 35 4.79 -7.23 -27.88
CA TYR D 35 4.71 -8.03 -26.67
C TYR D 35 4.96 -9.50 -27.00
N ASP D 36 6.07 -10.05 -26.50
CA ASP D 36 6.33 -11.49 -26.65
C ASP D 36 6.83 -12.13 -25.37
N ARG D 37 5.88 -12.62 -24.58
CA ARG D 37 6.18 -13.31 -23.32
C ARG D 37 5.20 -14.47 -23.21
N ASN D 38 5.62 -15.55 -22.52
CA ASN D 38 4.75 -16.69 -22.27
C ASN D 38 4.15 -17.31 -23.53
N GLY D 39 4.92 -17.36 -24.61
CA GLY D 39 4.45 -18.01 -25.83
C GLY D 39 3.55 -17.11 -26.67
N LEU D 40 3.35 -15.89 -26.22
CA LEU D 40 2.60 -14.91 -26.98
C LEU D 40 3.60 -14.09 -27.78
N ASN D 41 3.30 -13.80 -29.04
CA ASN D 41 4.12 -12.85 -29.81
C ASN D 41 3.23 -11.94 -30.64
N VAL D 42 3.18 -10.69 -30.24
CA VAL D 42 2.10 -9.82 -30.71
C VAL D 42 2.65 -8.42 -31.01
N SER D 43 2.07 -7.76 -32.01
CA SER D 43 2.44 -6.37 -32.29
C SER D 43 1.28 -5.45 -31.93
N ILE D 44 1.60 -4.25 -31.48
CA ILE D 44 0.57 -3.37 -30.96
C ILE D 44 0.64 -1.99 -31.61
N GLU D 45 -0.52 -1.48 -32.02
CA GLU D 45 -0.63 -0.18 -32.65
C GLU D 45 -1.72 0.65 -31.97
N CYS D 46 -1.52 1.97 -32.02
CA CYS D 46 -2.49 2.92 -31.51
C CYS D 46 -2.98 3.79 -32.66
N LYS D 47 -4.26 3.64 -33.00
CA LYS D 47 -4.90 4.31 -34.15
C LYS D 47 -6.28 4.80 -33.82
N ARG D 48 -6.68 5.91 -34.43
CA ARG D 48 -8.08 6.36 -34.36
C ARG D 48 -8.97 5.35 -35.06
N VAL D 49 -10.24 5.30 -34.66
CA VAL D 49 -11.17 4.35 -35.24
C VAL D 49 -11.32 4.64 -36.74
N SER D 50 -11.17 5.91 -37.12
CA SER D 50 -11.18 6.29 -38.53
C SER D 50 -10.01 5.66 -39.30
N GLY D 51 -8.94 5.33 -38.59
CA GLY D 51 -7.74 4.86 -39.24
C GLY D 51 -7.69 3.35 -39.34
N LEU D 52 -8.81 2.72 -38.97
CA LEU D 52 -8.92 1.26 -38.96
C LEU D 52 -9.72 0.77 -40.15
N GLU D 53 -9.37 -0.42 -40.64
CA GLU D 53 -10.20 -1.04 -41.66
C GLU D 53 -11.53 -1.37 -41.00
N PRO D 54 -12.64 -1.16 -41.74
CA PRO D 54 -13.96 -1.49 -41.21
C PRO D 54 -14.07 -2.92 -40.64
N ALA D 55 -13.36 -3.88 -41.24
CA ALA D 55 -13.44 -5.28 -40.79
C ALA D 55 -12.84 -5.47 -39.40
N THR D 56 -11.78 -4.73 -39.11
CA THR D 56 -11.13 -4.76 -37.80
C THR D 56 -12.08 -4.25 -36.73
N VAL D 57 -12.80 -3.18 -37.07
CA VAL D 57 -13.81 -2.62 -36.19
C VAL D 57 -14.92 -3.63 -35.89
N ASP D 58 -15.36 -4.37 -36.92
CA ASP D 58 -16.39 -5.39 -36.73
C ASP D 58 -15.89 -6.47 -35.76
N TRP D 59 -14.64 -6.86 -35.92
CA TRP D 59 -14.04 -7.89 -35.07
C TRP D 59 -14.01 -7.48 -33.58
N ALA D 60 -13.75 -6.20 -33.35
CA ALA D 60 -13.68 -5.67 -31.99
C ALA D 60 -15.08 -5.72 -31.35
N PHE D 61 -16.09 -5.25 -32.09
CA PHE D 61 -17.48 -5.35 -31.65
C PHE D 61 -17.88 -6.79 -31.37
N ASP D 62 -17.54 -7.69 -32.30
CA ASP D 62 -17.94 -9.09 -32.16
C ASP D 62 -17.25 -9.68 -30.92
N LEU D 63 -15.98 -9.34 -30.71
CA LEU D 63 -15.28 -9.82 -29.51
C LEU D 63 -15.91 -9.28 -28.25
N THR D 64 -16.21 -7.98 -28.23
CA THR D 64 -16.84 -7.39 -27.06
C THR D 64 -18.17 -8.07 -26.74
N LYS D 65 -19.00 -8.26 -27.77
CA LYS D 65 -20.28 -8.91 -27.64
C LYS D 65 -20.15 -10.36 -27.15
N THR D 66 -19.25 -11.12 -27.77
CA THR D 66 -19.01 -12.49 -27.35
C THR D 66 -18.63 -12.55 -25.87
N ASN D 67 -17.77 -11.61 -25.45
CA ASN D 67 -17.28 -11.56 -24.09
C ASN D 67 -18.23 -10.89 -23.08
N MET D 68 -18.95 -9.86 -23.50
CA MET D 68 -19.60 -8.98 -22.52
C MET D 68 -21.13 -9.02 -22.48
N GLN D 69 -21.76 -9.62 -23.48
CA GLN D 69 -23.21 -9.53 -23.65
C GLN D 69 -24.02 -10.05 -22.44
N THR D 70 -23.68 -11.26 -21.99
CA THR D 70 -24.34 -11.87 -20.85
C THR D 70 -24.24 -11.00 -19.61
N MET D 71 -23.03 -10.49 -19.35
CA MET D 71 -22.80 -9.59 -18.23
C MET D 71 -23.56 -8.28 -18.38
N TYR D 72 -23.81 -7.88 -19.63
CA TYR D 72 -24.63 -6.71 -19.93
C TYR D 72 -26.11 -7.00 -19.67
N GLU D 73 -26.54 -8.22 -20.01
CA GLU D 73 -27.92 -8.66 -19.81
C GLU D 73 -28.24 -8.73 -18.31
N GLN D 74 -27.22 -9.01 -17.50
CA GLN D 74 -27.34 -9.09 -16.04
C GLN D 74 -27.20 -7.74 -15.31
N SER D 75 -26.98 -6.66 -16.06
CA SER D 75 -26.86 -5.35 -15.44
C SER D 75 -28.09 -4.49 -15.71
N GLU D 76 -28.12 -3.29 -15.13
CA GLU D 76 -29.25 -2.36 -15.31
C GLU D 76 -29.31 -1.93 -16.76
N TRP D 77 -28.13 -1.90 -17.39
CA TRP D 77 -27.98 -1.41 -18.76
C TRP D 77 -28.69 -2.29 -19.77
N GLY D 78 -28.54 -3.60 -19.61
CA GLY D 78 -28.93 -4.54 -20.64
C GLY D 78 -27.96 -4.48 -21.80
N TRP D 79 -27.95 -5.51 -22.63
CA TRP D 79 -27.17 -5.45 -23.87
C TRP D 79 -27.99 -4.77 -24.98
N LYS D 80 -27.45 -3.68 -25.53
CA LYS D 80 -28.14 -2.97 -26.61
C LYS D 80 -27.23 -2.82 -27.83
N ASP D 81 -27.42 -3.71 -28.81
CA ASP D 81 -26.51 -3.80 -29.97
C ASP D 81 -26.15 -2.50 -30.68
N ARG D 82 -27.16 -1.71 -31.04
CA ARG D 82 -26.91 -0.53 -31.86
C ARG D 82 -26.16 0.50 -31.05
N GLU D 83 -26.53 0.63 -29.78
CA GLU D 83 -25.95 1.66 -28.92
C GLU D 83 -24.47 1.39 -28.62
N LYS D 84 -24.08 0.12 -28.58
CA LYS D 84 -22.68 -0.23 -28.37
C LYS D 84 -21.83 -0.01 -29.62
N ARG D 85 -22.35 -0.36 -30.80
CA ARG D 85 -21.65 -0.06 -32.04
C ARG D 85 -21.46 1.44 -32.25
N GLU D 86 -22.48 2.22 -31.89
CA GLU D 86 -22.38 3.68 -31.94
C GLU D 86 -21.18 4.15 -31.11
N GLU D 87 -21.08 3.61 -29.90
CA GLU D 87 -20.01 3.97 -28.96
C GLU D 87 -18.62 3.64 -29.51
N MET D 88 -18.48 2.43 -30.03
CA MET D 88 -17.20 1.94 -30.50
C MET D 88 -16.81 2.53 -31.85
N THR D 89 -17.75 3.20 -32.52
CA THR D 89 -17.47 3.79 -33.84
C THR D 89 -17.62 5.31 -33.83
N ASP D 90 -17.82 5.87 -32.64
CA ASP D 90 -17.75 7.31 -32.45
C ASP D 90 -16.39 7.81 -32.95
N ASP D 91 -16.40 8.99 -33.56
CA ASP D 91 -15.20 9.53 -34.17
C ASP D 91 -14.09 9.79 -33.14
N ARG D 92 -14.50 9.96 -31.89
CA ARG D 92 -13.57 10.27 -30.80
C ARG D 92 -12.87 9.02 -30.25
N ALA D 93 -13.18 7.87 -30.84
CA ALA D 93 -12.63 6.60 -30.37
C ALA D 93 -11.20 6.36 -30.86
N TRP D 94 -10.34 5.97 -29.91
CA TRP D 94 -8.97 5.50 -30.18
C TRP D 94 -8.89 4.00 -29.96
N TYR D 95 -8.02 3.34 -30.70
CA TYR D 95 -7.88 1.91 -30.51
C TYR D 95 -6.44 1.52 -30.34
N LEU D 96 -6.25 0.60 -29.41
CA LEU D 96 -5.03 -0.13 -29.22
C LEU D 96 -5.33 -1.50 -29.81
N ILE D 97 -4.52 -1.99 -30.75
CA ILE D 97 -4.83 -3.31 -31.32
C ILE D 97 -3.62 -4.22 -31.25
N ALA D 98 -3.81 -5.45 -30.76
CA ALA D 98 -2.75 -6.45 -30.74
C ALA D 98 -2.94 -7.45 -31.89
N TRP D 99 -1.91 -7.60 -32.72
CA TRP D 99 -1.97 -8.50 -33.86
C TRP D 99 -1.04 -9.71 -33.73
N GLU D 100 -1.63 -10.89 -33.87
CA GLU D 100 -0.89 -12.15 -33.95
C GLU D 100 -0.44 -12.43 -35.37
N ASN D 101 0.74 -13.01 -35.53
CA ASN D 101 1.17 -13.51 -36.83
C ASN D 101 1.00 -12.49 -37.96
N SER D 102 1.20 -11.22 -37.62
CA SER D 102 1.07 -10.09 -38.56
C SER D 102 -0.28 -10.02 -39.31
N SER D 103 -1.23 -10.88 -38.94
CA SER D 103 -2.49 -10.94 -39.67
C SER D 103 -3.79 -10.96 -38.87
N VAL D 104 -3.71 -11.32 -37.59
CA VAL D 104 -4.90 -11.57 -36.77
C VAL D 104 -4.99 -10.73 -35.51
N PRO D 105 -6.07 -9.94 -35.37
CA PRO D 105 -6.28 -9.19 -34.13
C PRO D 105 -6.77 -10.14 -33.01
N VAL D 106 -6.09 -10.11 -31.87
CA VAL D 106 -6.39 -11.03 -30.77
C VAL D 106 -6.76 -10.29 -29.48
N ALA D 107 -6.59 -8.98 -29.48
CA ALA D 107 -6.87 -8.17 -28.31
C ALA D 107 -7.01 -6.70 -28.71
N PHE D 108 -7.79 -5.95 -27.96
CA PHE D 108 -7.89 -4.51 -28.21
C PHE D 108 -8.30 -3.75 -26.97
N SER D 109 -8.04 -2.45 -27.01
CA SER D 109 -8.60 -1.52 -26.05
C SER D 109 -9.29 -0.40 -26.82
N HIS D 110 -10.51 -0.06 -26.43
CA HIS D 110 -11.15 1.14 -26.93
C HIS D 110 -11.00 2.20 -25.84
N PHE D 111 -10.29 3.28 -26.13
CA PHE D 111 -10.10 4.34 -25.14
C PHE D 111 -10.28 5.73 -25.76
N ARG D 112 -10.44 6.71 -24.87
CA ARG D 112 -10.57 8.10 -25.30
C ARG D 112 -9.79 9.08 -24.41
N PHE D 113 -9.52 10.26 -24.94
CA PHE D 113 -9.09 11.39 -24.13
C PHE D 113 -10.30 12.28 -23.94
N ASP D 114 -10.66 12.55 -22.69
CA ASP D 114 -11.90 13.24 -22.43
C ASP D 114 -11.88 13.97 -21.09
N VAL D 115 -12.97 14.68 -20.82
CA VAL D 115 -13.16 15.29 -19.53
C VAL D 115 -14.19 14.44 -18.78
N GLU D 116 -13.89 14.15 -17.52
CA GLU D 116 -14.82 13.45 -16.63
C GLU D 116 -14.76 14.14 -15.28
N CYS D 117 -15.93 14.60 -14.82
CA CYS D 117 -16.06 15.29 -13.54
C CYS D 117 -15.04 16.42 -13.40
N GLY D 118 -14.83 17.16 -14.49
CA GLY D 118 -13.95 18.32 -14.47
C GLY D 118 -12.49 18.02 -14.71
N ASP D 119 -12.14 16.74 -14.85
CA ASP D 119 -10.74 16.35 -15.02
C ASP D 119 -10.36 15.79 -16.41
N GLU D 120 -9.10 16.01 -16.78
CA GLU D 120 -8.52 15.42 -17.97
C GLU D 120 -8.23 13.94 -17.75
N VAL D 121 -8.87 13.06 -18.51
CA VAL D 121 -8.67 11.63 -18.26
C VAL D 121 -8.46 10.83 -19.52
N LEU D 122 -7.80 9.69 -19.36
CA LEU D 122 -7.83 8.70 -20.41
C LEU D 122 -8.87 7.70 -19.96
N TYR D 123 -10.00 7.66 -20.68
CA TYR D 123 -11.07 6.73 -20.31
C TYR D 123 -10.95 5.47 -21.14
N CYS D 124 -10.80 4.36 -20.43
CA CYS D 124 -10.80 3.05 -21.03
C CYS D 124 -12.23 2.51 -21.16
N TYR D 125 -12.75 2.53 -22.37
CA TYR D 125 -14.09 2.02 -22.64
C TYR D 125 -14.11 0.51 -22.65
N GLU D 126 -13.01 -0.10 -23.12
CA GLU D 126 -12.95 -1.55 -23.32
C GLU D 126 -11.51 -2.03 -23.22
N VAL D 127 -11.33 -3.20 -22.62
CA VAL D 127 -10.14 -3.99 -22.84
C VAL D 127 -10.63 -5.42 -22.99
N GLN D 128 -10.35 -5.99 -24.16
CA GLN D 128 -10.95 -7.25 -24.58
C GLN D 128 -9.91 -8.15 -25.21
N LEU D 129 -9.82 -9.39 -24.75
CA LEU D 129 -8.88 -10.32 -25.35
C LEU D 129 -9.60 -11.55 -25.90
N GLU D 130 -9.09 -12.11 -26.99
CA GLU D 130 -9.55 -13.43 -27.40
C GLU D 130 -9.22 -14.40 -26.29
N SER D 131 -10.11 -15.36 -26.09
CA SER D 131 -10.00 -16.33 -25.02
C SER D 131 -8.63 -16.99 -24.98
N LYS D 132 -8.05 -17.23 -26.16
CA LYS D 132 -6.79 -17.98 -26.26
C LYS D 132 -5.53 -17.23 -25.80
N VAL D 133 -5.58 -15.90 -25.75
CA VAL D 133 -4.40 -15.12 -25.35
C VAL D 133 -4.49 -14.54 -23.92
N ARG D 134 -5.41 -15.06 -23.12
CA ARG D 134 -5.61 -14.56 -21.76
C ARG D 134 -4.66 -15.16 -20.72
N ARG D 135 -4.55 -14.45 -19.59
CA ARG D 135 -3.69 -14.83 -18.47
C ARG D 135 -2.24 -15.07 -18.88
N LYS D 136 -1.73 -14.21 -19.77
CA LYS D 136 -0.33 -14.26 -20.19
C LYS D 136 0.29 -12.89 -20.08
N GLY D 137 -0.46 -11.94 -19.53
CA GLY D 137 0.07 -10.62 -19.24
C GLY D 137 -0.21 -9.54 -20.26
N LEU D 138 -0.87 -9.90 -21.36
CA LEU D 138 -1.14 -8.95 -22.43
C LEU D 138 -2.13 -7.88 -21.97
N GLY D 139 -3.16 -8.31 -21.23
CA GLY D 139 -4.16 -7.38 -20.71
C GLY D 139 -3.51 -6.33 -19.85
N LYS D 140 -2.68 -6.77 -18.91
CA LYS D 140 -1.94 -5.86 -18.04
C LYS D 140 -1.02 -4.95 -18.84
N PHE D 141 -0.37 -5.51 -19.85
CA PHE D 141 0.52 -4.73 -20.71
C PHE D 141 -0.25 -3.64 -21.47
N LEU D 142 -1.46 -3.97 -21.92
CA LEU D 142 -2.25 -2.99 -22.64
C LEU D 142 -2.64 -1.83 -21.75
N ILE D 143 -3.02 -2.13 -20.50
CA ILE D 143 -3.40 -1.07 -19.59
C ILE D 143 -2.14 -0.31 -19.19
N GLN D 144 -0.98 -0.98 -19.18
CA GLN D 144 0.28 -0.28 -18.89
C GLN D 144 0.57 0.72 -19.99
N ILE D 145 0.20 0.36 -21.23
CA ILE D 145 0.37 1.27 -22.36
C ILE D 145 -0.60 2.45 -22.23
N LEU D 146 -1.84 2.17 -21.82
CA LEU D 146 -2.81 3.26 -21.59
C LEU D 146 -2.29 4.22 -20.52
N GLN D 147 -1.68 3.68 -19.48
CA GLN D 147 -1.15 4.51 -18.41
C GLN D 147 0.06 5.33 -18.88
N LEU D 148 0.88 4.71 -19.72
CA LEU D 148 2.04 5.37 -20.29
C LEU D 148 1.64 6.59 -21.14
N MET D 149 0.63 6.40 -21.98
CA MET D 149 0.09 7.48 -22.82
C MET D 149 -0.61 8.53 -21.95
N ALA D 150 -1.29 8.06 -20.91
CA ALA D 150 -1.98 8.97 -20.02
C ALA D 150 -0.99 9.91 -19.37
N ASN D 151 0.19 9.39 -19.05
CA ASN D 151 1.26 10.24 -18.50
C ASN D 151 1.86 11.16 -19.57
N SER D 152 2.10 10.60 -20.76
CA SER D 152 2.73 11.36 -21.83
C SER D 152 1.86 12.51 -22.32
N THR D 153 0.54 12.38 -22.20
CA THR D 153 -0.38 13.43 -22.67
C THR D 153 -0.83 14.33 -21.52
N GLN D 154 -0.38 14.00 -20.31
CA GLN D 154 -0.71 14.74 -19.08
C GLN D 154 -2.18 14.70 -18.69
N MET D 155 -2.81 13.53 -18.89
CA MET D 155 -4.10 13.26 -18.27
C MET D 155 -3.86 13.06 -16.78
N LYS D 156 -4.86 13.28 -15.94
CA LYS D 156 -4.66 13.09 -14.50
C LYS D 156 -4.79 11.61 -14.12
N LYS D 157 -5.52 10.85 -14.91
CA LYS D 157 -5.68 9.44 -14.62
C LYS D 157 -6.18 8.64 -15.82
N VAL D 158 -6.12 7.32 -15.66
CA VAL D 158 -6.82 6.37 -16.50
C VAL D 158 -8.05 5.95 -15.74
N MET D 159 -9.19 6.04 -16.40
CA MET D 159 -10.48 5.71 -15.80
C MET D 159 -11.19 4.59 -16.56
N LEU D 160 -12.09 3.89 -15.87
CA LEU D 160 -12.85 2.83 -16.52
C LEU D 160 -14.07 2.43 -15.67
N THR D 161 -14.95 1.66 -16.31
CA THR D 161 -16.11 1.09 -15.66
C THR D 161 -15.97 -0.42 -15.66
N VAL D 162 -16.28 -1.04 -14.52
CA VAL D 162 -16.25 -2.50 -14.42
C VAL D 162 -17.53 -2.98 -13.72
N PHE D 163 -18.10 -4.10 -14.18
CA PHE D 163 -19.27 -4.72 -13.52
C PHE D 163 -18.91 -5.38 -12.17
N LYS D 164 -19.76 -5.17 -11.16
CA LYS D 164 -19.55 -5.83 -9.88
C LYS D 164 -19.62 -7.34 -10.03
N HIS D 165 -20.41 -7.78 -11.00
CA HIS D 165 -20.56 -9.21 -11.29
C HIS D 165 -19.50 -9.68 -12.31
N ASN D 166 -18.56 -8.80 -12.67
CA ASN D 166 -17.37 -9.25 -13.35
C ASN D 166 -16.23 -9.32 -12.35
N HIS D 167 -16.29 -10.30 -11.44
CA HIS D 167 -15.38 -10.35 -10.31
C HIS D 167 -13.92 -10.50 -10.80
N GLY D 168 -13.71 -11.29 -11.87
CA GLY D 168 -12.38 -11.50 -12.41
C GLY D 168 -11.74 -10.20 -12.89
N ALA D 169 -12.51 -9.40 -13.63
CA ALA D 169 -12.02 -8.12 -14.13
C ALA D 169 -11.75 -7.12 -12.99
N TYR D 170 -12.61 -7.13 -11.97
CA TYR D 170 -12.40 -6.28 -10.80
C TYR D 170 -11.09 -6.60 -10.12
N GLN D 171 -10.81 -7.90 -9.94
CA GLN D 171 -9.58 -8.32 -9.29
C GLN D 171 -8.38 -7.93 -10.14
N PHE D 172 -8.53 -8.11 -11.45
CA PHE D 172 -7.55 -7.68 -12.43
C PHE D 172 -7.17 -6.21 -12.24
N PHE D 173 -8.16 -5.33 -12.28
CA PHE D 173 -7.91 -3.89 -12.14
C PHE D 173 -7.61 -3.46 -10.71
N ARG D 174 -8.42 -3.91 -9.76
CA ARG D 174 -8.33 -3.43 -8.38
C ARG D 174 -7.10 -4.01 -7.68
N GLU D 175 -6.81 -5.28 -7.90
CA GLU D 175 -5.79 -5.92 -7.10
C GLU D 175 -4.48 -6.04 -7.87
N ALA D 176 -4.57 -6.59 -9.08
CA ALA D 176 -3.35 -6.79 -9.85
C ALA D 176 -2.76 -5.47 -10.32
N LEU D 177 -3.61 -4.56 -10.79
CA LEU D 177 -3.16 -3.31 -11.38
C LEU D 177 -3.30 -2.15 -10.39
N GLN D 178 -3.83 -2.46 -9.22
CA GLN D 178 -3.90 -1.51 -8.10
C GLN D 178 -4.62 -0.20 -8.47
N PHE D 179 -5.70 -0.33 -9.23
CA PHE D 179 -6.59 0.79 -9.46
C PHE D 179 -7.38 1.12 -8.18
N GLU D 180 -7.67 2.40 -7.97
CA GLU D 180 -8.53 2.80 -6.86
C GLU D 180 -9.98 2.90 -7.29
N ILE D 181 -10.86 2.90 -6.31
CA ILE D 181 -12.25 3.23 -6.58
C ILE D 181 -12.32 4.76 -6.67
N ASP D 182 -12.76 5.24 -7.83
CA ASP D 182 -12.81 6.67 -8.09
C ASP D 182 -13.91 7.35 -7.28
N ASP D 183 -13.69 8.61 -6.91
CA ASP D 183 -14.67 9.37 -6.16
C ASP D 183 -16.00 9.51 -6.89
N SER D 184 -15.97 9.38 -8.21
CA SER D 184 -17.19 9.49 -9.01
C SER D 184 -17.92 8.17 -9.05
N SER D 185 -17.38 7.16 -8.37
CA SER D 185 -18.12 5.90 -8.32
C SER D 185 -19.32 6.01 -7.38
N PRO D 186 -20.47 5.47 -7.83
CA PRO D 186 -21.75 5.47 -7.10
C PRO D 186 -21.63 4.91 -5.66
N SER D 187 -20.60 4.10 -5.42
CA SER D 187 -20.33 3.56 -4.10
C SER D 187 -19.63 4.58 -3.20
N MET D 188 -19.22 5.70 -3.78
CA MET D 188 -18.55 6.75 -3.02
C MET D 188 -19.16 8.13 -3.31
N CYS D 196 -26.24 0.36 -7.91
CA CYS D 196 -25.68 0.15 -9.25
C CYS D 196 -24.87 -1.15 -9.32
N SER D 197 -24.81 -1.77 -10.49
CA SER D 197 -24.09 -3.04 -10.62
C SER D 197 -22.67 -2.81 -11.17
N TYR D 198 -22.19 -1.57 -11.11
CA TYR D 198 -20.86 -1.27 -11.62
C TYR D 198 -20.07 -0.34 -10.69
N GLU D 199 -18.77 -0.27 -10.88
CA GLU D 199 -17.94 0.70 -10.17
C GLU D 199 -17.10 1.47 -11.16
N ILE D 200 -16.74 2.70 -10.79
CA ILE D 200 -15.76 3.47 -11.57
C ILE D 200 -14.39 3.39 -10.92
N LEU D 201 -13.40 2.93 -11.68
CA LEU D 201 -12.06 2.78 -11.15
C LEU D 201 -11.10 3.73 -11.85
N SER D 202 -10.07 4.16 -11.14
CA SER D 202 -9.04 5.00 -11.73
C SER D 202 -7.66 4.74 -11.11
N ARG D 203 -6.63 5.12 -11.86
CA ARG D 203 -5.25 5.03 -11.45
C ARG D 203 -4.59 6.33 -11.88
N ARG D 204 -4.16 7.13 -10.90
CA ARG D 204 -3.68 8.47 -11.20
C ARG D 204 -2.33 8.43 -11.91
N THR D 205 -2.04 9.50 -12.65
CA THR D 205 -0.76 9.64 -13.33
C THR D 205 0.31 10.14 -12.38
N LYS D 206 1.57 10.10 -12.83
CA LYS D 206 2.71 10.26 -11.93
C LYS D 206 3.56 11.53 -12.09
N PHE D 207 3.16 12.48 -12.95
CA PHE D 207 3.97 13.69 -13.18
C PHE D 207 3.57 14.86 -12.27
N SER E 1 13.12 6.40 19.62
CA SER E 1 13.84 6.71 20.86
C SER E 1 13.34 8.04 21.41
N GLY E 2 12.91 8.02 22.68
CA GLY E 2 12.38 9.22 23.33
C GLY E 2 11.01 9.66 22.82
N ARG E 3 10.60 10.87 23.20
CA ARG E 3 9.33 11.41 22.77
C ARG E 3 9.49 12.89 22.40
N GLY E 4 9.57 13.14 21.09
CA GLY E 4 9.60 14.47 20.53
C GLY E 4 8.20 15.03 20.37
N LYS E 5 8.13 16.34 20.09
CA LYS E 5 6.88 17.00 19.90
C LYS E 5 6.59 17.09 18.42
N SER F 1 -20.23 -16.13 4.56
CA SER F 1 -21.42 -16.92 4.87
C SER F 1 -21.23 -18.40 4.53
N GLY F 2 -21.49 -19.28 5.50
CA GLY F 2 -21.31 -20.70 5.33
C GLY F 2 -19.82 -21.06 5.32
N ARG F 3 -19.53 -22.30 4.93
CA ARG F 3 -18.16 -22.80 4.85
C ARG F 3 -18.03 -23.61 3.55
N GLY F 4 -17.45 -23.01 2.51
CA GLY F 4 -17.21 -23.71 1.27
C GLY F 4 -15.95 -24.55 1.34
N LYS F 5 -15.70 -25.37 0.31
CA LYS F 5 -14.51 -26.18 0.30
C LYS F 5 -13.40 -25.38 -0.32
N SER G 1 22.36 12.80 -5.90
CA SER G 1 23.60 13.49 -6.25
C SER G 1 24.78 12.57 -6.53
N GLY G 2 25.40 12.76 -7.69
CA GLY G 2 26.54 11.93 -8.04
C GLY G 2 26.13 10.54 -8.45
N ARG G 3 27.12 9.65 -8.47
CA ARG G 3 26.92 8.28 -8.92
C ARG G 3 27.70 7.35 -8.01
N GLY G 4 27.03 6.63 -7.11
CA GLY G 4 27.74 5.75 -6.20
C GLY G 4 28.21 4.42 -6.79
N LYS G 5 29.33 3.92 -6.28
CA LYS G 5 29.84 2.64 -6.67
C LYS G 5 28.93 1.55 -6.13
N SER H 1 -15.69 -1.93 -19.19
CA SER H 1 -16.61 -1.98 -20.33
C SER H 1 -17.66 -0.87 -20.27
N GLY H 2 -17.78 -0.12 -21.37
CA GLY H 2 -18.74 0.96 -21.46
C GLY H 2 -18.38 2.14 -20.57
N ARG H 3 -19.32 3.04 -20.36
CA ARG H 3 -19.02 4.20 -19.52
C ARG H 3 -20.22 4.54 -18.63
N GLY H 4 -20.13 4.13 -17.35
CA GLY H 4 -21.11 4.47 -16.34
C GLY H 4 -20.85 5.84 -15.73
N LYS H 5 -21.69 6.26 -14.78
CA LYS H 5 -21.54 7.53 -14.16
C LYS H 5 -20.95 7.38 -12.76
#